data_6FP1
#
_entry.id   6FP1
#
_cell.length_a   71.080
_cell.length_b   52.920
_cell.length_c   137.460
_cell.angle_alpha   90.000
_cell.angle_beta   104.080
_cell.angle_gamma   90.000
#
_symmetry.space_group_name_H-M   'P 1 21 1'
#
loop_
_entity.id
_entity.type
_entity.pdbx_description
1 polymer 'Kynurenine 3-monooxygenase'
2 non-polymer 'FLAVIN-ADENINE DINUCLEOTIDE'
3 non-polymer 'CHLORIDE ION'
4 non-polymer DI(HYDROXYETHYL)ETHER
5 non-polymer '2-(6-chloranyl-5,7-dimethyl-3-oxidanylidene-1,4-benzoxazin-4-yl)ethanoic acid'
6 water water
#
_entity_poly.entity_id   1
_entity_poly.type   'polypeptide(L)'
_entity_poly.pdbx_seq_one_letter_code
;TATDNARQVTIIGAGLAGTLVARLLARNGWQVNLFERRPDPRIETGARGRSINLALAERGAHALRLAGLEREVLAEAVMM
RGRMVHVPGTPPNLQPYGRDDSEVIWSINRDRLNRILLDGAEAAGASIHFNLGLDSVDFARQRLTLSNVSGERLEKRFHL
LIGADGCNSAVRQAMASVVDLGEHLETQPHGYKELQITPEASAQFNLEPNALHIWPHGDYMCIALPNLDRSFTVTLFLHH
QSPAAQPASPSFAQLVDGHAARRFFQRQFPDLSPMLDSLEQDFEHHPTGKLATLRLTTWHVGGQAVLLGDAAHPMVPFHG
QGMNCALEDAVALAEHLQSAADNASALAAFTAQRQPDALAIQAMALENYVEMSSKVASPTYLLERELGQIMAQRQPTRFI
PRYSMVTFSRLPYAQAMARGQIQEQLLKFAVANHSDLTSINLDAVEHEVTRCLPPLSHLS
;
_entity_poly.pdbx_strand_id   A,B
#
loop_
_chem_comp.id
_chem_comp.type
_chem_comp.name
_chem_comp.formula
CL non-polymer 'CHLORIDE ION' 'Cl -1'
E0Q non-polymer '2-(6-chloranyl-5,7-dimethyl-3-oxidanylidene-1,4-benzoxazin-4-yl)ethanoic acid' 'C12 H12 Cl N O4'
FAD non-polymer 'FLAVIN-ADENINE DINUCLEOTIDE' 'C27 H33 N9 O15 P2'
PEG non-polymer DI(HYDROXYETHYL)ETHER 'C4 H10 O3'
#
# COMPACT_ATOMS: atom_id res chain seq x y z
N ARG A 7 -40.16 5.98 4.72
CA ARG A 7 -38.85 5.37 4.48
C ARG A 7 -38.18 5.08 5.82
N GLN A 8 -37.45 3.96 5.90
CA GLN A 8 -36.94 3.45 7.15
C GLN A 8 -35.42 3.42 7.13
N VAL A 9 -34.82 3.57 8.32
CA VAL A 9 -33.37 3.56 8.44
C VAL A 9 -33.00 3.09 9.85
N THR A 10 -31.90 2.34 9.93
CA THR A 10 -31.31 1.87 11.18
C THR A 10 -29.92 2.49 11.31
N ILE A 11 -29.68 3.22 12.41
CA ILE A 11 -28.42 3.89 12.65
C ILE A 11 -27.72 3.25 13.84
N ILE A 12 -26.42 2.94 13.69
CA ILE A 12 -25.60 2.35 14.74
C ILE A 12 -24.67 3.44 15.26
N GLY A 13 -24.82 3.78 16.54
CA GLY A 13 -23.97 4.77 17.18
C GLY A 13 -24.66 6.09 17.43
N ALA A 14 -25.01 6.35 18.69
CA ALA A 14 -25.59 7.63 19.09
C ALA A 14 -24.52 8.55 19.69
N GLY A 15 -23.48 8.80 18.90
CA GLY A 15 -22.52 9.83 19.22
C GLY A 15 -22.90 11.17 18.60
N LEU A 16 -21.97 11.80 17.88
CA LEU A 16 -22.19 13.14 17.35
C LEU A 16 -22.82 13.11 15.96
N ALA A 17 -22.23 12.36 15.02
CA ALA A 17 -22.81 12.28 13.67
C ALA A 17 -24.11 11.48 13.65
N GLY A 18 -24.18 10.37 14.40
CA GLY A 18 -25.36 9.53 14.34
C GLY A 18 -26.60 10.21 14.89
N THR A 19 -26.45 10.93 16.01
N THR A 19 -26.44 10.96 15.98
CA THR A 19 -27.59 11.65 16.57
CA THR A 19 -27.58 11.66 16.58
C THR A 19 -28.03 12.79 15.65
C THR A 19 -28.01 12.85 15.74
N LEU A 20 -27.09 13.50 15.03
CA LEU A 20 -27.46 14.62 14.18
C LEU A 20 -28.19 14.14 12.93
N VAL A 21 -27.67 13.11 12.26
CA VAL A 21 -28.37 12.63 11.07
C VAL A 21 -29.74 12.04 11.46
N ALA A 22 -29.84 11.41 12.64
CA ALA A 22 -31.12 10.89 13.08
C ALA A 22 -32.19 11.99 13.20
N ARG A 23 -31.82 13.13 13.79
CA ARG A 23 -32.75 14.26 13.86
C ARG A 23 -33.13 14.76 12.48
N LEU A 24 -32.15 14.94 11.59
CA LEU A 24 -32.45 15.53 10.29
C LEU A 24 -33.35 14.63 9.46
N LEU A 25 -33.20 13.31 9.57
CA LEU A 25 -34.08 12.41 8.81
C LEU A 25 -35.45 12.26 9.48
N ALA A 26 -35.49 12.15 10.82
CA ALA A 26 -36.78 12.06 11.50
C ALA A 26 -37.61 13.31 11.25
N ARG A 27 -36.98 14.48 11.29
CA ARG A 27 -37.64 15.74 10.98
C ARG A 27 -38.31 15.69 9.61
N ASN A 28 -37.70 15.01 8.65
CA ASN A 28 -38.27 14.86 7.31
C ASN A 28 -39.26 13.71 7.20
N GLY A 29 -39.60 13.04 8.30
CA GLY A 29 -40.62 12.02 8.25
C GLY A 29 -40.13 10.61 8.06
N TRP A 30 -38.82 10.37 8.12
CA TRP A 30 -38.27 9.01 8.12
C TRP A 30 -38.60 8.33 9.45
N GLN A 31 -38.77 7.00 9.38
CA GLN A 31 -38.89 6.18 10.59
C GLN A 31 -37.49 5.74 10.99
N VAL A 32 -36.99 6.29 12.11
CA VAL A 32 -35.58 6.13 12.50
C VAL A 32 -35.49 5.31 13.78
N ASN A 33 -34.65 4.28 13.76
CA ASN A 33 -34.24 3.55 14.97
C ASN A 33 -32.74 3.68 15.13
N LEU A 34 -32.31 4.10 16.31
CA LEU A 34 -30.91 4.37 16.63
C LEU A 34 -30.48 3.47 17.77
N PHE A 35 -29.38 2.74 17.59
CA PHE A 35 -28.88 1.77 18.57
C PHE A 35 -27.50 2.18 19.07
N GLU A 36 -27.30 2.13 20.38
CA GLU A 36 -26.10 2.62 21.06
C GLU A 36 -25.65 1.63 22.13
N ARG A 37 -24.35 1.35 22.17
CA ARG A 37 -23.87 0.34 23.11
C ARG A 37 -23.76 0.86 24.55
N ARG A 38 -23.50 2.15 24.73
CA ARG A 38 -23.41 2.74 26.07
C ARG A 38 -24.80 2.90 26.70
N PRO A 39 -24.86 3.11 28.01
CA PRO A 39 -26.11 3.55 28.63
C PRO A 39 -26.46 4.98 28.22
N ASP A 40 -27.72 5.36 28.45
CA ASP A 40 -28.22 6.70 28.16
C ASP A 40 -27.57 7.69 29.12
N PRO A 41 -26.76 8.64 28.64
CA PRO A 41 -26.08 9.57 29.59
C PRO A 41 -27.02 10.53 30.27
N ARG A 42 -28.26 10.67 29.80
CA ARG A 42 -29.21 11.58 30.42
C ARG A 42 -29.84 10.98 31.68
N ILE A 43 -29.74 9.68 31.89
CA ILE A 43 -30.22 9.05 33.11
C ILE A 43 -29.19 9.31 34.20
N GLU A 44 -29.52 10.18 35.14
CA GLU A 44 -28.58 10.59 36.19
C GLU A 44 -28.29 9.43 37.14
N THR A 45 -27.01 9.18 37.36
CA THR A 45 -26.54 8.18 38.32
C THR A 45 -25.64 8.85 39.37
N GLY A 46 -25.17 8.04 40.30
CA GLY A 46 -24.24 8.50 41.30
C GLY A 46 -22.79 8.49 40.88
N ALA A 47 -22.52 8.12 39.63
CA ALA A 47 -21.17 8.14 39.08
C ALA A 47 -20.73 9.56 38.75
N ARG A 48 -19.42 9.79 38.80
CA ARG A 48 -18.87 11.12 38.57
C ARG A 48 -18.82 11.46 37.08
N SER A 51 -15.45 14.41 31.49
CA SER A 51 -15.06 15.81 31.46
C SER A 51 -14.18 16.17 30.25
N ILE A 52 -14.49 15.60 29.10
CA ILE A 52 -13.75 15.83 27.87
C ILE A 52 -14.31 17.03 27.12
N ASN A 53 -13.43 17.87 26.58
CA ASN A 53 -13.79 19.07 25.84
C ASN A 53 -13.41 18.95 24.37
N LEU A 54 -14.13 19.67 23.50
CA LEU A 54 -13.83 19.76 22.07
C LEU A 54 -13.95 21.20 21.60
N ALA A 55 -13.29 21.51 20.48
CA ALA A 55 -13.35 22.83 19.84
C ALA A 55 -14.36 22.80 18.69
N LEU A 56 -15.44 23.56 18.85
CA LEU A 56 -16.46 23.76 17.82
C LEU A 56 -16.10 24.98 16.97
N ALA A 57 -16.12 24.80 15.64
CA ALA A 57 -15.82 25.86 14.69
C ALA A 57 -17.01 26.03 13.71
N GLU A 58 -16.79 26.79 12.63
CA GLU A 58 -17.92 27.18 11.78
C GLU A 58 -18.58 25.98 11.10
N ARG A 59 -17.79 24.99 10.66
CA ARG A 59 -18.40 23.86 9.95
C ARG A 59 -19.38 23.11 10.86
N GLY A 60 -18.96 22.82 12.09
CA GLY A 60 -19.88 22.16 13.01
C GLY A 60 -21.01 23.07 13.46
N ALA A 61 -20.69 24.35 13.73
CA ALA A 61 -21.73 25.26 14.17
C ALA A 61 -22.80 25.44 13.11
N HIS A 62 -22.41 25.49 11.84
CA HIS A 62 -23.38 25.65 10.77
C HIS A 62 -24.30 24.44 10.66
N ALA A 63 -23.74 23.24 10.83
CA ALA A 63 -24.55 22.03 10.84
C ALA A 63 -25.59 22.06 11.96
N LEU A 64 -25.18 22.47 13.16
CA LEU A 64 -26.12 22.61 14.27
C LEU A 64 -27.15 23.69 13.99
N ARG A 65 -26.74 24.77 13.30
CA ARG A 65 -27.65 25.86 12.94
C ARG A 65 -28.78 25.33 12.06
N LEU A 66 -28.46 24.49 11.07
CA LEU A 66 -29.50 23.97 10.21
C LEU A 66 -30.44 23.05 10.97
N ALA A 67 -29.92 22.30 11.95
CA ALA A 67 -30.74 21.43 12.78
C ALA A 67 -31.54 22.20 13.82
N GLY A 68 -31.32 23.51 13.96
CA GLY A 68 -32.03 24.29 14.96
C GLY A 68 -31.55 24.09 16.38
N LEU A 69 -30.28 23.69 16.57
CA LEU A 69 -29.76 23.44 17.91
C LEU A 69 -28.56 24.32 18.26
N GLU A 70 -28.15 25.25 17.40
CA GLU A 70 -26.89 25.96 17.63
C GLU A 70 -26.95 26.81 18.89
N ARG A 71 -28.07 27.48 19.13
CA ARG A 71 -28.15 28.41 20.26
C ARG A 71 -28.10 27.67 21.59
N GLU A 72 -28.70 26.48 21.65
CA GLU A 72 -28.64 25.69 22.88
C GLU A 72 -27.21 25.20 23.16
N VAL A 73 -26.47 24.81 22.12
CA VAL A 73 -25.10 24.35 22.32
C VAL A 73 -24.19 25.50 22.74
N LEU A 74 -24.28 26.64 22.03
CA LEU A 74 -23.39 27.77 22.33
C LEU A 74 -23.66 28.40 23.69
N ALA A 75 -24.86 28.23 24.25
CA ALA A 75 -25.14 28.76 25.58
C ALA A 75 -24.26 28.11 26.64
N GLU A 76 -23.68 26.94 26.34
CA GLU A 76 -22.85 26.21 27.29
C GLU A 76 -21.39 26.14 26.84
N ALA A 77 -21.00 27.00 25.89
CA ALA A 77 -19.68 26.96 25.29
C ALA A 77 -18.88 28.16 25.73
N VAL A 78 -17.57 27.96 25.90
CA VAL A 78 -16.65 29.02 26.31
C VAL A 78 -15.91 29.51 25.07
N MET A 79 -15.91 30.82 24.85
CA MET A 79 -15.24 31.37 23.68
C MET A 79 -13.72 31.23 23.81
N MET A 80 -13.06 30.85 22.71
CA MET A 80 -11.60 30.85 22.61
C MET A 80 -11.20 31.81 21.49
N ARG A 81 -10.60 32.95 21.88
CA ARG A 81 -10.19 33.97 20.92
C ARG A 81 -8.87 33.64 20.24
N GLY A 82 -8.03 32.84 20.87
CA GLY A 82 -6.75 32.56 20.28
C GLY A 82 -5.98 31.48 21.02
N ARG A 83 -4.74 31.33 20.60
CA ARG A 83 -3.81 30.32 21.08
C ARG A 83 -2.86 30.99 22.08
N MET A 84 -2.78 30.46 23.30
CA MET A 84 -1.88 31.01 24.32
C MET A 84 -0.72 30.04 24.49
N VAL A 85 0.49 30.48 24.12
CA VAL A 85 1.67 29.62 24.07
C VAL A 85 2.52 29.85 25.31
N HIS A 86 2.90 28.75 25.97
CA HIS A 86 3.64 28.78 27.22
C HIS A 86 5.04 28.20 26.99
N VAL A 87 6.06 28.97 27.37
CA VAL A 87 7.44 28.47 27.43
C VAL A 87 7.98 28.84 28.81
N PRO A 88 8.63 27.92 29.53
CA PRO A 88 8.99 28.20 30.92
C PRO A 88 9.77 29.50 31.08
N GLY A 89 9.41 30.25 32.13
CA GLY A 89 10.07 31.50 32.45
C GLY A 89 9.51 32.70 31.72
N THR A 90 9.06 32.51 30.45
CA THR A 90 8.61 33.62 29.63
C THR A 90 7.11 33.84 29.81
N PRO A 91 6.62 35.08 29.70
CA PRO A 91 5.18 35.33 29.84
C PRO A 91 4.40 34.74 28.69
N PRO A 92 3.24 34.16 28.94
CA PRO A 92 2.46 33.56 27.85
C PRO A 92 2.17 34.57 26.74
N ASN A 93 2.11 34.06 25.51
CA ASN A 93 1.93 34.88 24.32
C ASN A 93 0.65 34.47 23.59
N LEU A 94 -0.26 35.42 23.42
CA LEU A 94 -1.54 35.15 22.77
C LEU A 94 -1.42 35.36 21.27
N GLN A 95 -1.65 34.28 20.50
CA GLN A 95 -1.75 34.34 19.06
C GLN A 95 -3.23 34.31 18.66
N PRO A 96 -3.83 35.43 18.26
CA PRO A 96 -5.26 35.40 17.93
C PRO A 96 -5.55 34.48 16.75
N TYR A 97 -6.73 33.85 16.78
CA TYR A 97 -7.13 32.94 15.71
C TYR A 97 -7.69 33.69 14.50
N GLY A 98 -8.34 34.83 14.70
CA GLY A 98 -8.98 35.51 13.61
C GLY A 98 -8.70 36.99 13.53
N ARG A 99 -9.45 37.71 12.69
CA ARG A 99 -9.26 39.15 12.50
C ARG A 99 -9.94 39.96 13.61
N ASP A 100 -11.06 39.48 14.10
CA ASP A 100 -11.85 40.20 15.10
C ASP A 100 -12.67 39.16 15.85
N ASP A 101 -13.53 39.63 16.76
CA ASP A 101 -14.33 38.69 17.56
C ASP A 101 -15.43 38.02 16.76
N SER A 102 -15.56 38.28 15.45
CA SER A 102 -16.42 37.44 14.62
C SER A 102 -15.75 36.10 14.34
N GLU A 103 -14.43 36.04 14.41
CA GLU A 103 -13.68 34.84 14.06
C GLU A 103 -13.07 34.28 15.34
N VAL A 104 -13.85 33.44 16.01
CA VAL A 104 -13.46 32.76 17.25
C VAL A 104 -13.98 31.33 17.16
N ILE A 105 -13.51 30.47 18.07
CA ILE A 105 -14.02 29.11 18.20
C ILE A 105 -14.52 28.89 19.64
N TRP A 106 -15.05 27.70 19.91
CA TRP A 106 -15.82 27.45 21.12
C TRP A 106 -15.46 26.14 21.78
N SER A 107 -15.18 26.17 23.08
CA SER A 107 -14.91 24.98 23.87
C SER A 107 -16.22 24.44 24.45
N ILE A 108 -16.59 23.20 24.07
CA ILE A 108 -17.84 22.60 24.51
C ILE A 108 -17.59 21.23 25.15
N ASN A 109 -18.21 20.99 26.30
CA ASN A 109 -18.08 19.69 26.96
C ASN A 109 -18.76 18.61 26.12
N ARG A 110 -18.04 17.52 25.85
CA ARG A 110 -18.52 16.47 24.95
C ARG A 110 -19.84 15.88 25.42
N ASP A 111 -19.92 15.56 26.72
CA ASP A 111 -21.14 14.95 27.25
C ASP A 111 -22.33 15.89 27.14
N ARG A 112 -22.13 17.19 27.40
CA ARG A 112 -23.21 18.17 27.23
C ARG A 112 -23.72 18.19 25.79
N LEU A 113 -22.80 18.23 24.82
CA LEU A 113 -23.20 18.23 23.42
C LEU A 113 -24.05 17.00 23.10
N ASN A 114 -23.59 15.82 23.53
CA ASN A 114 -24.27 14.57 23.21
C ASN A 114 -25.67 14.51 23.82
N ARG A 115 -25.83 15.08 25.02
CA ARG A 115 -27.15 15.13 25.63
C ARG A 115 -28.10 16.04 24.85
N ILE A 116 -27.61 17.21 24.43
CA ILE A 116 -28.43 18.10 23.61
C ILE A 116 -28.84 17.42 22.32
N LEU A 117 -27.90 16.75 21.64
CA LEU A 117 -28.24 16.07 20.39
C LEU A 117 -29.22 14.93 20.61
N LEU A 118 -29.07 14.18 21.71
CA LEU A 118 -30.00 13.08 21.99
C LEU A 118 -31.43 13.60 22.18
N ASP A 119 -31.58 14.68 22.95
CA ASP A 119 -32.91 15.27 23.11
C ASP A 119 -33.45 15.75 21.78
N GLY A 120 -32.60 16.33 20.94
CA GLY A 120 -33.06 16.82 19.65
C GLY A 120 -33.51 15.73 18.69
N ALA A 121 -32.87 14.55 18.74
CA ALA A 121 -33.30 13.45 17.88
C ALA A 121 -34.66 12.92 18.33
N GLU A 122 -34.82 12.68 19.63
CA GLU A 122 -36.11 12.24 20.16
C GLU A 122 -37.22 13.26 19.88
N ALA A 123 -36.93 14.56 20.04
CA ALA A 123 -37.95 15.56 19.78
C ALA A 123 -38.41 15.51 18.31
N ALA A 124 -37.49 15.19 17.40
CA ALA A 124 -37.86 15.06 15.99
C ALA A 124 -38.60 13.77 15.70
N GLY A 125 -38.62 12.81 16.63
CA GLY A 125 -39.36 11.58 16.44
C GLY A 125 -38.55 10.31 16.28
N ALA A 126 -37.23 10.36 16.42
CA ALA A 126 -36.43 9.15 16.36
C ALA A 126 -36.54 8.36 17.66
N SER A 127 -36.43 7.04 17.56
CA SER A 127 -36.43 6.18 18.73
C SER A 127 -35.00 5.71 18.99
N ILE A 128 -34.57 5.79 20.25
CA ILE A 128 -33.19 5.50 20.62
C ILE A 128 -33.19 4.34 21.62
N HIS A 129 -32.29 3.37 21.38
CA HIS A 129 -32.22 2.15 22.17
C HIS A 129 -30.78 1.95 22.64
N PHE A 130 -30.58 1.97 23.96
CA PHE A 130 -29.24 1.96 24.55
C PHE A 130 -28.87 0.57 25.06
N ASN A 131 -27.64 0.43 25.54
CA ASN A 131 -27.12 -0.83 26.06
C ASN A 131 -27.19 -1.97 25.04
N LEU A 132 -27.07 -1.65 23.75
CA LEU A 132 -27.05 -2.67 22.71
C LEU A 132 -25.96 -2.36 21.69
N GLY A 133 -24.99 -3.26 21.57
CA GLY A 133 -23.86 -3.09 20.67
C GLY A 133 -23.99 -3.98 19.45
N LEU A 134 -23.70 -3.43 18.28
CA LEU A 134 -23.70 -4.23 17.05
C LEU A 134 -22.51 -5.18 17.03
N ASP A 135 -22.79 -6.48 16.78
CA ASP A 135 -21.78 -7.53 16.68
C ASP A 135 -21.50 -7.98 15.25
N SER A 136 -22.51 -8.08 14.39
CA SER A 136 -22.30 -8.57 13.05
C SER A 136 -23.50 -8.24 12.17
N VAL A 137 -23.27 -8.30 10.85
CA VAL A 137 -24.29 -8.01 9.85
C VAL A 137 -24.31 -9.14 8.83
N ASP A 138 -25.51 -9.63 8.50
CA ASP A 138 -25.70 -10.60 7.41
C ASP A 138 -26.36 -9.85 6.26
N PHE A 139 -25.57 -9.47 5.26
CA PHE A 139 -26.07 -8.61 4.20
C PHE A 139 -27.01 -9.35 3.25
N ALA A 140 -26.77 -10.65 3.00
CA ALA A 140 -27.65 -11.39 2.11
C ALA A 140 -29.07 -11.50 2.67
N ARG A 141 -29.19 -11.68 3.99
CA ARG A 141 -30.49 -11.83 4.63
C ARG A 141 -31.03 -10.53 5.21
N GLN A 142 -30.26 -9.45 5.19
CA GLN A 142 -30.71 -8.14 5.68
C GLN A 142 -31.04 -8.17 7.17
N ARG A 143 -30.22 -8.89 7.95
CA ARG A 143 -30.38 -8.96 9.39
C ARG A 143 -29.05 -8.61 10.07
N LEU A 144 -29.12 -8.10 11.29
CA LEU A 144 -27.92 -7.83 12.08
C LEU A 144 -28.10 -8.41 13.48
N THR A 145 -26.99 -8.50 14.21
CA THR A 145 -27.00 -9.07 15.56
C THR A 145 -26.44 -8.06 16.54
N LEU A 146 -27.14 -7.90 17.66
CA LEU A 146 -26.74 -6.96 18.72
C LEU A 146 -26.64 -7.74 20.03
N SER A 147 -25.86 -7.22 20.98
CA SER A 147 -25.74 -7.88 22.27
C SER A 147 -25.58 -6.85 23.38
N ASN A 148 -26.05 -7.21 24.57
CA ASN A 148 -25.85 -6.42 25.78
C ASN A 148 -24.55 -6.84 26.47
N VAL A 149 -24.19 -6.10 27.52
CA VAL A 149 -22.94 -6.39 28.23
C VAL A 149 -22.98 -7.78 28.83
N SER A 150 -24.17 -8.28 29.17
CA SER A 150 -24.33 -9.62 29.72
C SER A 150 -24.30 -10.71 28.64
N GLY A 151 -23.85 -10.39 27.44
CA GLY A 151 -23.62 -11.38 26.40
C GLY A 151 -24.84 -11.88 25.67
N GLU A 152 -26.05 -11.55 26.12
CA GLU A 152 -27.25 -12.01 25.44
C GLU A 152 -27.43 -11.31 24.10
N ARG A 153 -27.75 -12.09 23.07
CA ARG A 153 -27.84 -11.58 21.70
C ARG A 153 -29.28 -11.51 21.24
N LEU A 154 -29.55 -10.58 20.32
CA LEU A 154 -30.83 -10.54 19.64
C LEU A 154 -30.62 -10.09 18.20
N GLU A 155 -31.58 -10.42 17.34
CA GLU A 155 -31.49 -10.11 15.92
C GLU A 155 -32.54 -9.08 15.50
N LYS A 156 -32.20 -8.27 14.50
CA LYS A 156 -33.12 -7.30 13.92
C LYS A 156 -32.98 -7.26 12.40
N ARG A 157 -34.09 -7.00 11.73
CA ARG A 157 -34.10 -6.77 10.30
C ARG A 157 -33.77 -5.31 10.02
N PHE A 158 -33.17 -5.03 8.86
CA PHE A 158 -32.88 -3.66 8.46
C PHE A 158 -33.09 -3.50 6.96
N HIS A 159 -33.43 -2.27 6.57
CA HIS A 159 -33.54 -1.89 5.17
CA HIS A 159 -33.55 -1.88 5.18
C HIS A 159 -32.40 -0.98 4.72
N LEU A 160 -32.01 -0.02 5.55
CA LEU A 160 -30.89 0.87 5.31
C LEU A 160 -30.11 0.98 6.61
N LEU A 161 -28.80 0.78 6.55
CA LEU A 161 -27.93 0.77 7.72
C LEU A 161 -26.90 1.89 7.61
N ILE A 162 -26.85 2.75 8.63
CA ILE A 162 -25.89 3.84 8.71
C ILE A 162 -24.90 3.53 9.82
N GLY A 163 -23.64 3.37 9.44
CA GLY A 163 -22.58 3.20 10.40
C GLY A 163 -22.06 4.52 10.93
N ALA A 164 -22.54 4.94 12.11
CA ALA A 164 -22.02 6.12 12.80
C ALA A 164 -21.36 5.73 14.11
N ASP A 165 -20.62 4.61 14.10
CA ASP A 165 -20.20 3.96 15.34
C ASP A 165 -18.70 4.12 15.62
N GLY A 166 -18.09 5.20 15.15
CA GLY A 166 -16.81 5.64 15.66
C GLY A 166 -15.59 5.01 15.02
N CYS A 167 -14.42 5.38 15.56
CA CYS A 167 -13.14 4.98 14.96
CA CYS A 167 -13.17 4.99 14.92
C CYS A 167 -13.00 3.47 14.86
N ASN A 168 -13.57 2.72 15.81
CA ASN A 168 -13.49 1.26 15.80
C ASN A 168 -14.77 0.59 15.30
N SER A 169 -15.38 1.18 14.28
CA SER A 169 -16.70 0.80 13.76
C SER A 169 -16.84 -0.69 13.46
N ALA A 170 -17.85 -1.30 14.08
CA ALA A 170 -18.25 -2.66 13.75
C ALA A 170 -18.99 -2.74 12.42
N VAL A 171 -19.71 -1.69 12.01
CA VAL A 171 -20.35 -1.70 10.69
C VAL A 171 -19.29 -1.79 9.61
N ARG A 172 -18.23 -0.99 9.72
CA ARG A 172 -17.15 -1.04 8.74
C ARG A 172 -16.55 -2.43 8.65
N GLN A 173 -16.33 -3.09 9.80
CA GLN A 173 -15.76 -4.44 9.78
C GLN A 173 -16.66 -5.39 9.01
N ALA A 174 -17.98 -5.30 9.22
CA ALA A 174 -18.91 -6.17 8.50
C ALA A 174 -18.92 -5.86 7.01
N MET A 175 -18.90 -4.58 6.64
CA MET A 175 -18.88 -4.21 5.23
C MET A 175 -17.62 -4.73 4.54
N ALA A 176 -16.47 -4.59 5.21
CA ALA A 176 -15.20 -4.99 4.61
C ALA A 176 -15.09 -6.47 4.33
N SER A 177 -16.08 -7.29 4.72
CA SER A 177 -16.04 -8.72 4.40
C SER A 177 -16.90 -9.08 3.20
N VAL A 178 -17.69 -8.16 2.66
CA VAL A 178 -18.46 -8.40 1.45
C VAL A 178 -18.06 -7.47 0.31
N VAL A 179 -17.39 -6.35 0.59
N VAL A 179 -17.40 -6.34 0.58
CA VAL A 179 -16.86 -5.44 -0.42
CA VAL A 179 -16.83 -5.50 -0.47
C VAL A 179 -15.44 -5.04 -0.03
C VAL A 179 -15.43 -5.08 -0.05
N ASP A 180 -14.61 -4.77 -1.03
CA ASP A 180 -13.27 -4.26 -0.79
C ASP A 180 -13.37 -2.73 -0.64
N LEU A 181 -13.13 -2.24 0.57
CA LEU A 181 -13.28 -0.82 0.86
C LEU A 181 -12.00 -0.02 0.61
N GLY A 182 -10.92 -0.67 0.16
CA GLY A 182 -9.65 0.02 -0.04
C GLY A 182 -9.04 0.56 1.25
N GLU A 183 -9.29 -0.12 2.38
CA GLU A 183 -8.81 0.32 3.68
C GLU A 183 -7.29 0.38 3.75
N HIS A 184 -6.76 1.46 4.33
CA HIS A 184 -5.35 1.54 4.67
C HIS A 184 -5.16 2.28 6.00
N LEU A 185 -4.39 1.67 6.90
CA LEU A 185 -4.18 2.20 8.24
C LEU A 185 -2.79 2.83 8.34
N GLU A 186 -2.73 4.10 8.72
CA GLU A 186 -1.47 4.78 9.04
C GLU A 186 -1.46 5.00 10.54
N THR A 187 -0.67 4.21 11.25
CA THR A 187 -0.63 4.32 12.70
C THR A 187 0.11 5.58 13.12
N GLN A 188 -0.32 6.17 14.23
CA GLN A 188 0.29 7.36 14.81
C GLN A 188 1.16 6.99 15.99
N PRO A 189 2.38 7.52 16.12
CA PRO A 189 3.25 7.10 17.23
C PRO A 189 2.88 7.69 18.59
N HIS A 190 2.04 8.73 18.65
CA HIS A 190 1.65 9.34 19.91
C HIS A 190 0.42 8.66 20.52
N GLY A 191 0.47 8.44 21.84
CA GLY A 191 -0.73 8.27 22.63
C GLY A 191 -1.12 9.58 23.30
N TYR A 192 -2.21 9.54 24.06
CA TYR A 192 -2.60 10.72 24.84
C TYR A 192 -3.20 10.30 26.18
N LYS A 193 -3.19 11.26 27.11
CA LYS A 193 -3.69 11.08 28.48
C LYS A 193 -4.33 12.38 28.92
N GLU A 194 -5.52 12.29 29.53
CA GLU A 194 -6.25 13.46 30.02
C GLU A 194 -6.01 13.70 31.50
N LEU A 195 -5.84 14.99 31.86
CA LEU A 195 -5.53 15.44 33.21
C LEU A 195 -6.38 16.68 33.50
N GLN A 196 -6.45 17.09 34.77
CA GLN A 196 -7.39 18.11 35.19
C GLN A 196 -6.72 19.24 35.98
N ILE A 197 -7.15 20.47 35.69
CA ILE A 197 -6.82 21.67 36.46
C ILE A 197 -8.11 22.19 37.10
N THR A 198 -8.08 22.37 38.43
CA THR A 198 -9.27 22.82 39.15
C THR A 198 -9.54 24.32 38.94
N PRO A 199 -10.77 24.76 39.21
CA PRO A 199 -11.04 26.22 39.15
C PRO A 199 -10.17 27.01 40.09
N GLU A 200 -9.90 26.46 41.28
CA GLU A 200 -9.02 27.14 42.25
C GLU A 200 -7.63 27.35 41.66
N ALA A 201 -7.05 26.29 41.11
CA ALA A 201 -5.68 26.38 40.60
C ALA A 201 -5.59 27.31 39.40
N SER A 202 -6.54 27.22 38.46
CA SER A 202 -6.47 28.07 37.28
C SER A 202 -6.56 29.54 37.64
N ALA A 203 -7.41 29.89 38.62
CA ALA A 203 -7.47 31.28 39.07
C ALA A 203 -6.17 31.69 39.75
N GLN A 204 -5.62 30.83 40.61
CA GLN A 204 -4.42 31.16 41.36
C GLN A 204 -3.22 31.42 40.45
N PHE A 205 -3.15 30.74 39.30
CA PHE A 205 -2.07 30.97 38.35
C PHE A 205 -2.49 31.88 37.20
N ASN A 206 -3.70 32.44 37.25
CA ASN A 206 -4.15 33.48 36.32
C ASN A 206 -4.16 32.98 34.88
N LEU A 207 -4.64 31.76 34.68
CA LEU A 207 -4.77 31.16 33.35
C LEU A 207 -5.98 31.77 32.62
N GLU A 208 -5.72 32.39 31.47
CA GLU A 208 -6.77 33.07 30.70
C GLU A 208 -7.89 32.10 30.35
N PRO A 209 -9.15 32.38 30.72
CA PRO A 209 -10.24 31.44 30.37
C PRO A 209 -10.61 31.43 28.90
N ASN A 210 -10.53 32.54 28.19
CA ASN A 210 -11.08 32.61 26.83
C ASN A 210 -10.01 32.38 25.77
N ALA A 211 -9.26 31.28 25.91
CA ALA A 211 -8.18 30.90 25.01
C ALA A 211 -7.97 29.39 25.07
N LEU A 212 -7.31 28.85 24.04
CA LEU A 212 -6.75 27.51 24.05
C LEU A 212 -5.28 27.61 24.41
N HIS A 213 -4.83 26.83 25.40
CA HIS A 213 -3.47 26.91 25.90
C HIS A 213 -2.64 25.75 25.36
N ILE A 214 -1.39 26.03 25.00
CA ILE A 214 -0.48 24.99 24.51
C ILE A 214 0.90 25.16 25.13
N TRP A 215 1.50 24.03 25.52
CA TRP A 215 2.87 23.93 26.01
C TRP A 215 3.67 23.12 25.00
N PRO A 216 4.28 23.73 23.99
CA PRO A 216 5.07 22.97 23.01
C PRO A 216 6.34 22.39 23.60
N HIS A 217 6.78 21.25 23.04
CA HIS A 217 8.02 20.63 23.47
C HIS A 217 8.58 19.66 22.42
N GLY A 218 8.37 19.96 21.14
CA GLY A 218 8.96 19.17 20.08
C GLY A 218 8.17 17.92 19.72
N ASP A 219 8.71 16.75 20.06
CA ASP A 219 8.04 15.49 19.79
C ASP A 219 6.89 15.19 20.74
N TYR A 220 6.72 16.00 21.79
CA TYR A 220 5.58 15.85 22.69
C TYR A 220 5.09 17.24 23.09
N MET A 221 3.86 17.30 23.60
CA MET A 221 3.28 18.59 23.97
C MET A 221 2.05 18.38 24.84
N CYS A 222 1.59 19.47 25.46
CA CYS A 222 0.35 19.52 26.21
C CYS A 222 -0.52 20.66 25.69
N ILE A 223 -1.84 20.45 25.73
CA ILE A 223 -2.82 21.50 25.47
C ILE A 223 -3.80 21.54 26.65
N ALA A 224 -4.59 22.61 26.69
CA ALA A 224 -5.62 22.76 27.71
C ALA A 224 -6.76 23.60 27.16
N LEU A 225 -7.99 23.09 27.31
CA LEU A 225 -9.20 23.81 26.92
C LEU A 225 -10.06 24.13 28.15
N PRO A 226 -10.72 25.28 28.17
CA PRO A 226 -11.47 25.70 29.35
C PRO A 226 -12.89 25.15 29.42
N ASN A 227 -13.41 25.11 30.66
CA ASN A 227 -14.79 24.78 31.00
C ASN A 227 -15.50 25.98 31.62
N LEU A 228 -16.84 25.90 31.68
CA LEU A 228 -17.63 27.04 32.12
C LEU A 228 -17.33 27.43 33.56
N ASP A 229 -16.91 26.46 34.38
CA ASP A 229 -16.63 26.71 35.79
C ASP A 229 -15.17 27.07 36.04
N ARG A 230 -14.40 27.32 35.00
CA ARG A 230 -13.02 27.79 35.05
C ARG A 230 -12.02 26.64 35.26
N SER A 231 -12.48 25.39 35.35
CA SER A 231 -11.55 24.27 35.27
C SER A 231 -11.07 24.11 33.83
N PHE A 232 -9.96 23.39 33.65
CA PHE A 232 -9.42 23.07 32.34
C PHE A 232 -9.20 21.57 32.23
N THR A 233 -9.43 21.03 31.05
CA THR A 233 -9.01 19.67 30.74
C THR A 233 -7.71 19.73 29.95
N VAL A 234 -6.71 19.01 30.43
CA VAL A 234 -5.36 18.99 29.87
C VAL A 234 -5.16 17.68 29.13
N THR A 235 -4.55 17.74 27.94
CA THR A 235 -4.21 16.55 27.17
C THR A 235 -2.71 16.53 26.90
N LEU A 236 -2.05 15.44 27.31
CA LEU A 236 -0.65 15.18 27.01
C LEU A 236 -0.55 14.28 25.77
N PHE A 237 0.21 14.73 24.77
CA PHE A 237 0.50 13.93 23.58
C PHE A 237 1.96 13.49 23.63
N LEU A 238 2.21 12.17 23.66
CA LEU A 238 3.54 11.63 23.89
C LEU A 238 3.68 10.26 23.25
N HIS A 239 4.86 9.98 22.68
CA HIS A 239 5.10 8.71 22.01
C HIS A 239 4.82 7.53 22.93
N HIS A 240 4.15 6.50 22.39
CA HIS A 240 4.04 5.23 23.10
C HIS A 240 5.43 4.66 23.43
N GLN A 241 6.31 4.62 22.43
CA GLN A 241 7.58 3.94 22.55
C GLN A 241 8.72 4.89 22.20
N SER A 242 9.88 4.66 22.82
CA SER A 242 11.06 5.44 22.52
C SER A 242 11.85 4.79 21.39
N PRO A 243 12.53 5.59 20.54
CA PRO A 243 13.42 5.00 19.54
C PRO A 243 14.67 4.35 20.15
N ALA A 248 15.65 5.69 25.30
CA ALA A 248 16.22 7.01 25.03
C ALA A 248 15.19 8.13 25.25
N SER A 249 14.52 8.56 24.18
CA SER A 249 13.55 9.64 24.24
C SER A 249 12.48 9.36 25.28
N PRO A 250 11.83 10.39 25.83
CA PRO A 250 10.67 10.16 26.70
C PRO A 250 9.57 9.40 25.97
N SER A 251 8.75 8.68 26.74
CA SER A 251 7.62 7.96 26.16
C SER A 251 6.76 7.42 27.28
N PHE A 252 5.53 7.02 26.91
CA PHE A 252 4.66 6.38 27.89
C PHE A 252 5.26 5.08 28.42
N ALA A 253 6.15 4.43 27.66
CA ALA A 253 6.75 3.20 28.14
C ALA A 253 7.59 3.42 29.38
N GLN A 254 8.24 4.58 29.50
CA GLN A 254 9.08 4.88 30.64
C GLN A 254 8.29 5.39 31.84
N LEU A 255 7.03 5.78 31.66
CA LEU A 255 6.21 6.34 32.73
C LEU A 255 5.37 5.22 33.33
N VAL A 256 6.01 4.47 34.23
CA VAL A 256 5.42 3.24 34.74
C VAL A 256 4.30 3.50 35.75
N ASP A 257 4.35 4.61 36.47
CA ASP A 257 3.28 4.95 37.42
C ASP A 257 3.15 6.46 37.54
N GLY A 258 2.21 6.89 38.39
CA GLY A 258 1.94 8.32 38.56
C GLY A 258 3.13 9.09 39.10
N HIS A 259 3.96 8.45 39.92
CA HIS A 259 5.14 9.12 40.47
C HIS A 259 6.19 9.37 39.39
N ALA A 260 6.29 8.47 38.40
CA ALA A 260 7.17 8.74 37.28
C ALA A 260 6.64 9.89 36.43
N ALA A 261 5.32 9.91 36.23
CA ALA A 261 4.72 11.00 35.46
C ALA A 261 4.96 12.34 36.14
N ARG A 262 4.91 12.38 37.47
CA ARG A 262 5.17 13.64 38.18
C ARG A 262 6.58 14.13 37.94
N ARG A 263 7.57 13.22 38.03
CA ARG A 263 8.95 13.61 37.80
C ARG A 263 9.15 14.13 36.37
N PHE A 264 8.51 13.49 35.40
CA PHE A 264 8.58 13.93 34.01
C PHE A 264 7.97 15.33 33.84
N PHE A 265 6.83 15.59 34.47
CA PHE A 265 6.22 16.91 34.34
C PHE A 265 7.05 17.98 35.03
N GLN A 266 7.61 17.69 36.20
CA GLN A 266 8.41 18.70 36.90
C GLN A 266 9.66 19.06 36.13
N ARG A 267 10.18 18.14 35.32
CA ARG A 267 11.38 18.42 34.53
C ARG A 267 11.07 19.07 33.18
N GLN A 268 10.07 18.56 32.46
CA GLN A 268 9.79 19.02 31.10
C GLN A 268 8.71 20.11 31.03
N PHE A 269 7.77 20.12 31.97
CA PHE A 269 6.69 21.11 32.01
C PHE A 269 6.66 21.78 33.37
N PRO A 270 7.76 22.42 33.78
CA PRO A 270 7.88 22.89 35.17
C PRO A 270 6.83 23.92 35.60
N ASP A 271 6.26 24.71 34.68
CA ASP A 271 5.26 25.70 35.10
C ASP A 271 3.84 25.18 34.97
N LEU A 272 3.64 23.99 34.42
CA LEU A 272 2.33 23.33 34.39
C LEU A 272 2.14 22.34 35.53
N SER A 273 3.20 21.67 35.97
CA SER A 273 3.09 20.71 37.06
C SER A 273 2.45 21.28 38.32
N PRO A 274 2.78 22.47 38.77
CA PRO A 274 2.16 22.97 40.01
C PRO A 274 0.66 23.16 39.91
N MET A 275 0.10 23.24 38.69
CA MET A 275 -1.35 23.38 38.50
C MET A 275 -2.08 22.05 38.49
N LEU A 276 -1.37 20.93 38.39
CA LEU A 276 -1.98 19.60 38.26
C LEU A 276 -1.96 18.93 39.63
N ASP A 277 -2.94 19.30 40.46
CA ASP A 277 -2.97 18.82 41.83
C ASP A 277 -3.13 17.30 41.90
N SER A 278 -3.88 16.70 40.97
CA SER A 278 -4.18 15.27 41.01
C SER A 278 -3.49 14.50 39.87
N LEU A 279 -2.31 14.97 39.46
CA LEU A 279 -1.58 14.34 38.37
C LEU A 279 -1.44 12.84 38.58
N GLU A 280 -0.92 12.44 39.74
CA GLU A 280 -0.59 11.03 39.97
C GLU A 280 -1.82 10.14 39.82
N GLN A 281 -2.95 10.54 40.39
CA GLN A 281 -4.15 9.71 40.32
C GLN A 281 -4.76 9.72 38.93
N ASP A 282 -4.88 10.91 38.31
CA ASP A 282 -5.42 10.97 36.96
C ASP A 282 -4.61 10.09 36.01
N PHE A 283 -3.28 10.14 36.13
CA PHE A 283 -2.42 9.38 35.23
C PHE A 283 -2.67 7.88 35.35
N GLU A 284 -2.81 7.39 36.59
CA GLU A 284 -2.99 5.96 36.81
C GLU A 284 -4.44 5.50 36.60
N HIS A 285 -5.41 6.41 36.64
CA HIS A 285 -6.81 5.99 36.51
C HIS A 285 -7.38 6.23 35.11
N HIS A 286 -6.92 7.25 34.40
CA HIS A 286 -7.42 7.46 33.04
C HIS A 286 -6.61 6.63 32.05
N PRO A 287 -7.24 5.97 31.09
CA PRO A 287 -6.49 5.13 30.16
C PRO A 287 -5.74 5.94 29.12
N THR A 288 -4.65 5.35 28.60
CA THR A 288 -3.86 5.98 27.56
C THR A 288 -4.50 5.71 26.20
N GLY A 289 -4.82 6.78 25.47
CA GLY A 289 -5.52 6.63 24.21
C GLY A 289 -4.60 6.47 23.01
N LYS A 290 -5.17 5.91 21.94
CA LYS A 290 -4.47 5.67 20.68
C LYS A 290 -5.00 6.59 19.59
N LEU A 291 -4.16 6.86 18.60
CA LEU A 291 -4.46 7.77 17.50
C LEU A 291 -4.08 7.10 16.18
N ALA A 292 -4.72 7.50 15.08
CA ALA A 292 -4.38 6.94 13.78
C ALA A 292 -5.07 7.70 12.67
N THR A 293 -4.66 7.39 11.43
CA THR A 293 -5.30 7.88 10.22
C THR A 293 -5.71 6.66 9.40
N LEU A 294 -7.00 6.55 9.08
CA LEU A 294 -7.50 5.39 8.34
C LEU A 294 -8.26 5.90 7.12
N ARG A 295 -7.84 5.46 5.93
CA ARG A 295 -8.39 5.94 4.67
C ARG A 295 -9.09 4.82 3.92
N LEU A 296 -10.27 5.13 3.36
CA LEU A 296 -11.07 4.21 2.58
C LEU A 296 -11.29 4.77 1.17
N THR A 297 -11.32 3.89 0.17
CA THR A 297 -11.67 4.37 -1.17
C THR A 297 -13.17 4.46 -1.39
N THR A 298 -13.96 3.68 -0.65
CA THR A 298 -15.42 3.73 -0.77
C THR A 298 -16.05 3.51 0.60
N TRP A 299 -17.22 4.12 0.79
CA TRP A 299 -17.88 4.18 2.09
C TRP A 299 -19.22 3.46 2.14
N HIS A 300 -19.58 2.68 1.11
CA HIS A 300 -20.91 2.10 1.07
C HIS A 300 -20.88 0.72 0.42
N VAL A 301 -21.97 -0.01 0.66
CA VAL A 301 -22.24 -1.31 0.05
C VAL A 301 -23.58 -1.17 -0.67
N GLY A 302 -23.54 -1.02 -1.98
CA GLY A 302 -24.77 -0.84 -2.76
C GLY A 302 -25.66 0.21 -2.15
N GLY A 303 -26.96 -0.12 -2.03
CA GLY A 303 -27.91 0.69 -1.32
C GLY A 303 -28.21 0.26 0.10
N GLN A 304 -27.42 -0.67 0.64
CA GLN A 304 -27.73 -1.30 1.92
C GLN A 304 -27.05 -0.66 3.14
N ALA A 305 -25.85 -0.11 2.99
CA ALA A 305 -25.14 0.41 4.16
C ALA A 305 -24.13 1.49 3.77
N VAL A 306 -23.89 2.42 4.70
CA VAL A 306 -22.99 3.55 4.47
C VAL A 306 -22.33 3.96 5.78
N LEU A 307 -21.12 4.51 5.68
CA LEU A 307 -20.35 5.00 6.83
C LEU A 307 -20.25 6.52 6.83
N LEU A 308 -20.14 7.12 8.02
CA LEU A 308 -19.82 8.54 8.11
C LEU A 308 -19.08 8.85 9.41
N GLY A 309 -18.45 10.03 9.45
CA GLY A 309 -17.73 10.44 10.64
C GLY A 309 -16.47 9.62 10.85
N ASP A 310 -16.12 9.39 12.12
CA ASP A 310 -14.93 8.61 12.44
C ASP A 310 -15.00 7.16 11.93
N ALA A 311 -16.21 6.62 11.72
CA ALA A 311 -16.31 5.28 11.15
C ALA A 311 -15.76 5.25 9.72
N ALA A 312 -15.85 6.38 9.00
CA ALA A 312 -15.36 6.46 7.63
C ALA A 312 -13.92 7.01 7.50
N HIS A 313 -13.47 7.89 8.40
CA HIS A 313 -12.20 8.58 8.18
C HIS A 313 -11.59 9.06 9.51
N PRO A 314 -11.12 8.14 10.33
CA PRO A 314 -10.31 8.53 11.50
C PRO A 314 -9.15 9.43 11.09
N MET A 315 -8.92 10.50 11.87
CA MET A 315 -7.84 11.45 11.60
C MET A 315 -7.16 11.82 12.91
N VAL A 316 -5.91 12.29 12.81
CA VAL A 316 -5.19 12.74 14.01
C VAL A 316 -5.86 14.06 14.45
N PRO A 317 -5.83 14.38 15.74
CA PRO A 317 -6.65 15.49 16.25
C PRO A 317 -6.00 16.86 16.24
N PHE A 318 -4.87 17.05 15.58
CA PHE A 318 -4.10 18.27 15.76
C PHE A 318 -4.64 19.49 15.01
N HIS A 319 -5.77 19.38 14.30
CA HIS A 319 -6.45 20.57 13.78
C HIS A 319 -7.81 20.80 14.42
N GLY A 320 -8.28 19.91 15.27
CA GLY A 320 -9.55 20.15 15.93
C GLY A 320 -10.73 20.15 14.97
N GLN A 321 -10.75 19.23 14.00
CA GLN A 321 -11.78 19.24 12.97
C GLN A 321 -12.53 17.93 12.81
N GLY A 322 -12.28 16.94 13.67
CA GLY A 322 -12.92 15.64 13.50
C GLY A 322 -14.43 15.67 13.75
N MET A 323 -14.84 16.28 14.86
N MET A 323 -14.84 16.25 14.89
CA MET A 323 -16.26 16.49 15.10
CA MET A 323 -16.25 16.50 15.12
C MET A 323 -16.85 17.45 14.07
C MET A 323 -16.83 17.43 14.04
N ASN A 324 -16.12 18.51 13.72
CA ASN A 324 -16.63 19.48 12.75
C ASN A 324 -16.91 18.82 11.40
N CYS A 325 -16.00 17.92 10.96
CA CYS A 325 -16.17 17.17 9.73
C CYS A 325 -17.32 16.16 9.84
N ALA A 326 -17.43 15.47 10.99
CA ALA A 326 -18.49 14.48 11.17
C ALA A 326 -19.87 15.13 11.08
N LEU A 327 -20.04 16.31 11.69
CA LEU A 327 -21.32 17.00 11.62
C LEU A 327 -21.61 17.51 10.20
N GLU A 328 -20.57 17.97 9.50
CA GLU A 328 -20.72 18.33 8.08
C GLU A 328 -21.10 17.11 7.22
N ASP A 329 -20.50 15.94 7.49
CA ASP A 329 -20.94 14.71 6.83
C ASP A 329 -22.42 14.44 7.04
N ALA A 330 -22.91 14.63 8.28
CA ALA A 330 -24.29 14.28 8.59
C ALA A 330 -25.29 15.13 7.80
N VAL A 331 -24.99 16.42 7.62
CA VAL A 331 -25.84 17.27 6.78
C VAL A 331 -25.88 16.73 5.36
N ALA A 332 -24.71 16.40 4.82
CA ALA A 332 -24.64 15.94 3.44
C ALA A 332 -25.39 14.62 3.24
N LEU A 333 -25.21 13.67 4.16
CA LEU A 333 -25.85 12.38 3.99
C LEU A 333 -27.36 12.51 3.99
N ALA A 334 -27.90 13.31 4.92
CA ALA A 334 -29.35 13.53 4.98
C ALA A 334 -29.86 14.19 3.70
N GLU A 335 -29.11 15.15 3.16
CA GLU A 335 -29.53 15.81 1.92
C GLU A 335 -29.58 14.82 0.76
N HIS A 336 -28.52 14.02 0.58
CA HIS A 336 -28.50 13.06 -0.51
C HIS A 336 -29.61 12.02 -0.36
N LEU A 337 -29.84 11.53 0.86
CA LEU A 337 -30.86 10.51 1.05
C LEU A 337 -32.27 11.06 0.84
N GLN A 338 -32.49 12.32 1.18
CA GLN A 338 -33.84 12.87 1.07
C GLN A 338 -34.27 12.97 -0.39
N SER A 339 -33.35 13.31 -1.29
CA SER A 339 -33.73 13.71 -2.65
C SER A 339 -33.24 12.77 -3.76
N ALA A 340 -32.63 11.62 -3.43
CA ALA A 340 -32.08 10.79 -4.49
C ALA A 340 -33.15 9.92 -5.13
N ALA A 341 -32.82 9.39 -6.31
CA ALA A 341 -33.73 8.46 -6.99
C ALA A 341 -33.96 7.21 -6.15
N ASP A 342 -32.95 6.78 -5.41
CA ASP A 342 -32.99 5.55 -4.63
C ASP A 342 -31.74 5.52 -3.76
N ASN A 343 -31.79 4.71 -2.70
CA ASN A 343 -30.69 4.69 -1.74
C ASN A 343 -29.34 4.41 -2.39
N ALA A 344 -29.28 3.47 -3.35
CA ALA A 344 -27.99 3.18 -3.97
C ALA A 344 -27.40 4.42 -4.63
N SER A 345 -28.23 5.21 -5.32
CA SER A 345 -27.78 6.45 -5.93
C SER A 345 -27.27 7.42 -4.88
N ALA A 346 -28.05 7.60 -3.81
CA ALA A 346 -27.68 8.54 -2.76
C ALA A 346 -26.32 8.21 -2.15
N LEU A 347 -26.11 6.92 -1.85
CA LEU A 347 -24.89 6.52 -1.16
C LEU A 347 -23.66 6.71 -2.04
N ALA A 348 -23.78 6.39 -3.34
CA ALA A 348 -22.65 6.57 -4.25
C ALA A 348 -22.30 8.04 -4.41
N ALA A 349 -23.31 8.91 -4.51
CA ALA A 349 -23.04 10.34 -4.65
C ALA A 349 -22.49 10.94 -3.37
N PHE A 350 -22.95 10.48 -2.20
CA PHE A 350 -22.42 10.97 -0.91
C PHE A 350 -20.94 10.67 -0.80
N THR A 351 -20.56 9.43 -1.09
CA THR A 351 -19.15 9.04 -1.10
C THR A 351 -18.35 9.90 -2.07
N ALA A 352 -18.87 10.08 -3.28
CA ALA A 352 -18.10 10.81 -4.30
C ALA A 352 -17.87 12.26 -3.89
N GLN A 353 -18.82 12.85 -3.16
CA GLN A 353 -18.67 14.24 -2.74
C GLN A 353 -17.73 14.38 -1.55
N ARG A 354 -17.89 13.53 -0.54
CA ARG A 354 -17.22 13.79 0.73
C ARG A 354 -15.85 13.16 0.84
N GLN A 355 -15.58 12.07 0.13
CA GLN A 355 -14.34 11.34 0.38
C GLN A 355 -13.12 12.18 -0.02
N PRO A 356 -13.16 12.94 -1.12
CA PRO A 356 -12.00 13.78 -1.44
C PRO A 356 -11.77 14.91 -0.44
N ASP A 357 -12.83 15.43 0.17
CA ASP A 357 -12.66 16.46 1.20
C ASP A 357 -12.19 15.86 2.52
N ALA A 358 -12.68 14.67 2.88
CA ALA A 358 -12.17 14.00 4.07
C ALA A 358 -10.68 13.69 3.92
N LEU A 359 -10.26 13.25 2.74
CA LEU A 359 -8.85 12.98 2.51
C LEU A 359 -7.99 14.23 2.73
N ALA A 360 -8.49 15.38 2.29
CA ALA A 360 -7.72 16.61 2.40
C ALA A 360 -7.60 17.08 3.85
N ILE A 361 -8.66 16.97 4.65
CA ILE A 361 -8.51 17.39 6.05
C ILE A 361 -7.62 16.39 6.81
N GLN A 362 -7.66 15.11 6.43
CA GLN A 362 -6.74 14.16 7.07
C GLN A 362 -5.29 14.59 6.86
N ALA A 363 -4.96 15.02 5.64
CA ALA A 363 -3.60 15.46 5.33
C ALA A 363 -3.24 16.77 6.05
N MET A 364 -4.17 17.72 6.10
CA MET A 364 -3.90 18.98 6.77
C MET A 364 -3.78 18.81 8.29
N ALA A 365 -4.51 17.87 8.89
CA ALA A 365 -4.36 17.64 10.32
C ALA A 365 -2.95 17.16 10.67
N LEU A 366 -2.41 16.22 9.87
CA LEU A 366 -1.04 15.76 10.08
C LEU A 366 -0.04 16.89 9.89
N GLU A 367 -0.28 17.76 8.91
CA GLU A 367 0.63 18.88 8.69
C GLU A 367 0.62 19.86 9.85
N ASN A 368 -0.53 20.07 10.49
CA ASN A 368 -0.59 20.97 11.62
C ASN A 368 0.28 20.47 12.76
N TYR A 369 0.45 19.15 12.89
CA TYR A 369 1.33 18.66 13.95
C TYR A 369 2.75 19.19 13.76
N VAL A 370 3.34 19.00 12.57
CA VAL A 370 4.67 19.53 12.33
C VAL A 370 4.66 21.06 12.44
N GLU A 371 3.61 21.68 11.89
CA GLU A 371 3.46 23.13 11.93
C GLU A 371 3.59 23.70 13.33
N MET A 372 3.55 22.87 14.36
CA MET A 372 3.40 23.34 15.74
C MET A 372 4.34 22.54 16.63
N SER A 373 5.56 23.06 16.78
CA SER A 373 6.63 22.38 17.49
C SER A 373 7.06 21.14 16.71
N SER A 374 8.13 21.28 15.92
CA SER A 374 8.69 20.20 15.11
C SER A 374 9.41 20.82 13.92
N ALA A 377 10.04 26.72 13.58
CA ALA A 377 11.04 27.72 13.90
C ALA A 377 12.09 27.81 12.79
N SER A 378 12.03 28.87 11.98
CA SER A 378 12.97 29.06 10.88
C SER A 378 13.05 30.55 10.56
N PRO A 379 14.17 31.02 9.99
CA PRO A 379 14.26 32.43 9.57
C PRO A 379 13.50 32.70 8.29
N THR A 380 13.55 31.76 7.34
CA THR A 380 12.71 31.85 6.15
C THR A 380 11.24 31.89 6.52
N TYR A 381 10.82 31.01 7.44
CA TYR A 381 9.42 30.96 7.86
C TYR A 381 8.96 32.28 8.43
N LEU A 382 9.87 33.03 9.08
CA LEU A 382 9.47 34.30 9.70
C LEU A 382 9.21 35.36 8.65
N LEU A 383 10.14 35.54 7.70
CA LEU A 383 9.94 36.53 6.65
C LEU A 383 8.72 36.19 5.81
N GLU A 384 8.52 34.91 5.50
CA GLU A 384 7.33 34.50 4.77
C GLU A 384 6.06 34.94 5.50
N ARG A 385 6.01 34.76 6.81
CA ARG A 385 4.81 35.12 7.55
C ARG A 385 4.64 36.63 7.63
N GLU A 386 5.74 37.39 7.76
CA GLU A 386 5.63 38.84 7.69
C GLU A 386 5.00 39.27 6.37
N LEU A 387 5.45 38.67 5.26
CA LEU A 387 4.95 39.09 3.95
C LEU A 387 3.50 38.65 3.75
N GLY A 388 3.14 37.46 4.24
CA GLY A 388 1.78 37.00 4.09
C GLY A 388 0.76 37.88 4.79
N GLN A 389 1.13 38.46 5.93
CA GLN A 389 0.24 39.39 6.62
C GLN A 389 0.01 40.64 5.78
N ILE A 390 1.07 41.18 5.18
CA ILE A 390 0.95 42.32 4.29
C ILE A 390 0.02 41.98 3.13
N MET A 391 0.18 40.80 2.53
CA MET A 391 -0.62 40.45 1.36
C MET A 391 -2.08 40.23 1.73
N ALA A 392 -2.35 39.75 2.96
CA ALA A 392 -3.73 39.62 3.42
C ALA A 392 -4.34 40.98 3.72
N GLN A 393 -3.53 41.94 4.16
CA GLN A 393 -4.05 43.29 4.40
C GLN A 393 -4.33 43.99 3.08
N ARG A 394 -3.47 43.79 2.07
CA ARG A 394 -3.68 44.46 0.79
C ARG A 394 -4.76 43.78 -0.07
N GLN A 395 -4.89 42.47 0.04
CA GLN A 395 -5.84 41.69 -0.76
C GLN A 395 -6.65 40.78 0.17
N PRO A 396 -7.49 41.38 1.03
CA PRO A 396 -8.25 40.57 1.98
C PRO A 396 -9.23 39.59 1.34
N THR A 397 -9.60 39.78 0.08
CA THR A 397 -10.51 38.84 -0.56
C THR A 397 -9.81 37.68 -1.25
N ARG A 398 -8.51 37.79 -1.49
CA ARG A 398 -7.76 36.77 -2.22
C ARG A 398 -6.80 35.98 -1.34
N PHE A 399 -6.06 36.66 -0.46
CA PHE A 399 -4.99 36.03 0.32
C PHE A 399 -5.54 35.80 1.71
N ILE A 400 -5.96 34.57 1.97
CA ILE A 400 -6.65 34.20 3.21
C ILE A 400 -5.87 33.06 3.85
N PRO A 401 -5.42 33.20 5.10
CA PRO A 401 -4.65 32.12 5.73
C PRO A 401 -5.41 30.79 5.70
N ARG A 402 -4.66 29.70 5.48
CA ARG A 402 -5.31 28.41 5.41
C ARG A 402 -6.04 28.06 6.70
N TYR A 403 -5.48 28.45 7.85
CA TYR A 403 -6.20 28.20 9.11
C TYR A 403 -7.61 28.80 9.05
N SER A 404 -7.73 30.00 8.50
CA SER A 404 -9.04 30.66 8.43
C SER A 404 -9.98 29.94 7.47
N MET A 405 -9.47 29.47 6.33
CA MET A 405 -10.29 28.74 5.38
C MET A 405 -10.81 27.44 5.97
N VAL A 406 -9.96 26.73 6.73
CA VAL A 406 -10.37 25.50 7.39
C VAL A 406 -11.36 25.78 8.52
N THR A 407 -11.09 26.82 9.32
CA THR A 407 -11.77 26.99 10.60
C THR A 407 -13.01 27.89 10.55
N PHE A 408 -13.00 28.94 9.72
CA PHE A 408 -14.09 29.92 9.72
C PHE A 408 -14.92 29.95 8.44
N SER A 409 -14.64 29.08 7.48
CA SER A 409 -15.45 29.02 6.27
C SER A 409 -15.91 27.59 6.01
N ARG A 410 -16.82 27.45 5.05
CA ARG A 410 -17.32 26.16 4.61
CA ARG A 410 -17.33 26.16 4.62
C ARG A 410 -16.81 25.78 3.23
N LEU A 411 -15.73 26.40 2.79
CA LEU A 411 -15.09 26.02 1.55
C LEU A 411 -14.73 24.54 1.61
N PRO A 412 -14.92 23.78 0.54
CA PRO A 412 -14.49 22.38 0.54
C PRO A 412 -13.03 22.26 0.97
N TYR A 413 -12.76 21.30 1.86
CA TYR A 413 -11.41 21.13 2.40
C TYR A 413 -10.37 21.08 1.27
N ALA A 414 -10.67 20.34 0.21
CA ALA A 414 -9.72 20.19 -0.89
C ALA A 414 -9.40 21.51 -1.56
N GLN A 415 -10.37 22.42 -1.63
CA GLN A 415 -10.09 23.74 -2.19
C GLN A 415 -9.29 24.60 -1.22
N ALA A 416 -9.62 24.54 0.07
CA ALA A 416 -8.80 25.23 1.05
C ALA A 416 -7.33 24.81 0.92
N MET A 417 -7.09 23.50 0.77
CA MET A 417 -5.72 23.00 0.66
C MET A 417 -5.03 23.51 -0.60
N ALA A 418 -5.74 23.49 -1.73
CA ALA A 418 -5.15 23.95 -2.99
C ALA A 418 -4.81 25.43 -2.93
N ARG A 419 -5.74 26.26 -2.45
CA ARG A 419 -5.46 27.69 -2.33
C ARG A 419 -4.31 27.93 -1.36
N GLY A 420 -4.25 27.17 -0.26
CA GLY A 420 -3.11 27.26 0.63
C GLY A 420 -1.80 26.97 -0.06
N GLN A 421 -1.80 26.05 -1.03
CA GLN A 421 -0.57 25.68 -1.73
C GLN A 421 -0.08 26.80 -2.64
N ILE A 422 -1.00 27.45 -3.36
CA ILE A 422 -0.62 28.55 -4.22
C ILE A 422 -0.03 29.69 -3.40
N GLN A 423 -0.62 29.96 -2.23
CA GLN A 423 -0.13 31.04 -1.39
C GLN A 423 1.27 30.75 -0.88
N GLU A 424 1.54 29.50 -0.49
CA GLU A 424 2.85 29.15 0.03
C GLU A 424 3.92 29.24 -1.07
N GLN A 425 3.59 28.81 -2.28
CA GLN A 425 4.57 28.94 -3.36
C GLN A 425 4.84 30.39 -3.69
N LEU A 426 3.81 31.24 -3.75
CA LEU A 426 4.05 32.65 -4.02
C LEU A 426 4.98 33.24 -2.97
N LEU A 427 4.75 32.92 -1.69
CA LEU A 427 5.57 33.49 -0.62
C LEU A 427 7.01 32.98 -0.69
N LYS A 428 7.19 31.70 -1.03
CA LYS A 428 8.53 31.15 -1.15
C LYS A 428 9.35 31.88 -2.21
N PHE A 429 8.81 32.02 -3.42
CA PHE A 429 9.57 32.68 -4.47
C PHE A 429 9.78 34.17 -4.16
N ALA A 430 8.84 34.78 -3.44
CA ALA A 430 8.97 36.20 -3.11
C ALA A 430 10.13 36.45 -2.16
N VAL A 431 10.38 35.54 -1.21
CA VAL A 431 11.41 35.76 -0.21
C VAL A 431 12.75 35.12 -0.57
N ALA A 432 12.76 34.20 -1.53
CA ALA A 432 13.99 33.48 -1.87
C ALA A 432 15.14 34.45 -2.09
N ASN A 433 16.23 34.22 -1.35
CA ASN A 433 17.47 34.97 -1.47
C ASN A 433 17.32 36.43 -1.06
N HIS A 434 16.35 36.74 -0.19
CA HIS A 434 16.23 38.05 0.44
C HIS A 434 16.43 37.90 1.93
N SER A 435 17.20 38.84 2.51
CA SER A 435 17.45 38.83 3.95
C SER A 435 16.22 39.31 4.72
N ASP A 436 15.61 40.40 4.26
CA ASP A 436 14.52 41.03 4.99
C ASP A 436 13.59 41.71 3.99
N LEU A 437 12.48 42.26 4.52
CA LEU A 437 11.45 42.84 3.67
C LEU A 437 11.94 44.06 2.89
N THR A 438 13.02 44.70 3.34
CA THR A 438 13.46 45.93 2.69
C THR A 438 13.83 45.70 1.23
N SER A 439 14.23 44.47 0.89
CA SER A 439 14.69 44.16 -0.46
C SER A 439 13.58 43.66 -1.37
N ILE A 440 12.39 43.43 -0.86
CA ILE A 440 11.32 42.80 -1.61
C ILE A 440 10.42 43.88 -2.20
N ASN A 441 10.01 43.68 -3.46
CA ASN A 441 9.14 44.62 -4.17
C ASN A 441 7.71 44.18 -3.90
N LEU A 442 7.11 44.76 -2.84
CA LEU A 442 5.77 44.36 -2.44
C LEU A 442 4.75 44.57 -3.55
N ASP A 443 4.84 45.68 -4.27
CA ASP A 443 3.89 45.93 -5.35
C ASP A 443 3.90 44.80 -6.37
N ALA A 444 5.09 44.24 -6.64
CA ALA A 444 5.20 43.16 -7.62
C ALA A 444 4.61 41.86 -7.10
N VAL A 445 4.82 41.57 -5.81
CA VAL A 445 4.21 40.38 -5.21
C VAL A 445 2.68 40.49 -5.29
N GLU A 446 2.15 41.66 -4.93
CA GLU A 446 0.71 41.86 -4.97
C GLU A 446 0.14 41.56 -6.34
N HIS A 447 0.90 41.89 -7.40
CA HIS A 447 0.46 41.62 -8.75
C HIS A 447 0.30 40.13 -8.99
N GLU A 448 1.32 39.34 -8.62
CA GLU A 448 1.21 37.89 -8.78
C GLU A 448 0.04 37.32 -7.97
N VAL A 449 -0.20 37.86 -6.78
CA VAL A 449 -1.34 37.42 -5.99
C VAL A 449 -2.62 37.57 -6.80
N THR A 450 -2.82 38.75 -7.41
CA THR A 450 -4.03 38.95 -8.21
C THR A 450 -4.00 38.09 -9.47
N ARG A 451 -2.81 37.81 -10.00
CA ARG A 451 -2.71 37.00 -11.21
C ARG A 451 -3.02 35.53 -10.97
N CYS A 452 -2.87 35.04 -9.73
CA CYS A 452 -2.98 33.61 -9.46
C CYS A 452 -4.09 33.21 -8.50
N LEU A 453 -4.66 34.13 -7.74
CA LEU A 453 -5.68 33.79 -6.74
C LEU A 453 -6.97 34.55 -6.99
N PRO A 454 -8.05 33.89 -7.41
CA PRO A 454 -9.29 34.60 -7.68
C PRO A 454 -9.97 35.01 -6.38
N PRO A 455 -10.71 36.10 -6.39
CA PRO A 455 -11.38 36.54 -5.15
C PRO A 455 -12.47 35.56 -4.76
N LEU A 456 -12.83 35.61 -3.48
CA LEU A 456 -13.93 34.79 -2.95
C LEU A 456 -15.00 35.69 -2.35
N ARG B 7 38.13 -26.66 -0.44
CA ARG B 7 36.83 -27.23 -0.10
C ARG B 7 36.19 -27.90 -1.32
N GLN B 8 35.33 -28.87 -1.07
CA GLN B 8 34.74 -29.69 -2.12
C GLN B 8 33.24 -29.52 -2.12
N VAL B 9 32.64 -29.61 -3.32
CA VAL B 9 31.19 -29.52 -3.47
C VAL B 9 30.74 -30.38 -4.65
N THR B 10 29.58 -31.01 -4.48
CA THR B 10 28.89 -31.77 -5.52
C THR B 10 27.62 -31.01 -5.90
N ILE B 11 27.42 -30.75 -7.19
CA ILE B 11 26.26 -30.03 -7.69
C ILE B 11 25.44 -30.94 -8.60
N ILE B 12 24.12 -31.00 -8.35
CA ILE B 12 23.21 -31.77 -9.18
C ILE B 12 22.45 -30.82 -10.09
N GLY B 13 22.60 -30.98 -11.40
CA GLY B 13 21.91 -30.14 -12.36
C GLY B 13 22.78 -29.11 -13.06
N ALA B 14 23.16 -29.39 -14.31
CA ALA B 14 23.89 -28.40 -15.11
C ALA B 14 22.91 -27.59 -15.98
N GLY B 15 21.96 -26.96 -15.30
CA GLY B 15 21.08 -25.98 -15.94
C GLY B 15 21.67 -24.58 -15.84
N LEU B 16 20.84 -23.60 -15.45
CA LEU B 16 21.30 -22.22 -15.39
C LEU B 16 21.93 -21.88 -14.03
N ALA B 17 21.25 -22.19 -12.93
CA ALA B 17 21.81 -21.87 -11.62
C ALA B 17 23.01 -22.76 -11.29
N GLY B 18 22.94 -24.05 -11.65
CA GLY B 18 23.99 -24.98 -11.27
C GLY B 18 25.32 -24.74 -11.98
N THR B 19 25.27 -24.37 -13.27
CA THR B 19 26.49 -24.10 -14.01
CA THR B 19 26.50 -24.10 -13.99
C THR B 19 27.10 -22.75 -13.60
N LEU B 20 26.27 -21.76 -13.28
CA LEU B 20 26.83 -20.48 -12.84
C LEU B 20 27.54 -20.64 -11.48
N VAL B 21 26.90 -21.32 -10.53
CA VAL B 21 27.51 -21.47 -9.21
C VAL B 21 28.76 -22.35 -9.31
N ALA B 22 28.76 -23.33 -10.22
CA ALA B 22 29.97 -24.11 -10.48
C ALA B 22 31.13 -23.22 -10.89
N ARG B 23 30.90 -22.28 -11.81
CA ARG B 23 31.97 -21.37 -12.24
C ARG B 23 32.44 -20.48 -11.11
N LEU B 24 31.51 -19.90 -10.33
CA LEU B 24 31.89 -18.97 -9.27
C LEU B 24 32.69 -19.67 -8.18
N LEU B 25 32.32 -20.91 -7.83
CA LEU B 25 33.06 -21.60 -6.78
C LEU B 25 34.40 -22.11 -7.32
N ALA B 26 34.43 -22.65 -8.55
CA ALA B 26 35.68 -23.11 -9.12
C ALA B 26 36.68 -21.97 -9.26
N ARG B 27 36.21 -20.79 -9.65
CA ARG B 27 37.08 -19.63 -9.74
C ARG B 27 37.74 -19.31 -8.40
N ASN B 28 37.07 -19.64 -7.29
CA ASN B 28 37.57 -19.35 -5.96
C ASN B 28 38.35 -20.51 -5.34
N GLY B 29 38.72 -21.52 -6.12
CA GLY B 29 39.56 -22.59 -5.64
C GLY B 29 38.85 -23.85 -5.17
N TRP B 30 37.53 -23.89 -5.25
CA TRP B 30 36.78 -25.09 -4.86
C TRP B 30 37.01 -26.21 -5.87
N GLN B 31 37.02 -27.44 -5.38
CA GLN B 31 36.96 -28.62 -6.24
C GLN B 31 35.49 -28.94 -6.51
N VAL B 32 35.07 -28.83 -7.77
CA VAL B 32 33.65 -28.90 -8.14
C VAL B 32 33.41 -30.07 -9.10
N ASN B 33 32.45 -30.94 -8.75
CA ASN B 33 31.92 -31.95 -9.66
C ASN B 33 30.43 -31.71 -9.86
N LEU B 34 30.01 -31.60 -11.12
CA LEU B 34 28.64 -31.31 -11.49
C LEU B 34 28.08 -32.48 -12.29
N PHE B 35 26.92 -33.00 -11.87
CA PHE B 35 26.27 -34.17 -12.47
C PHE B 35 24.97 -33.78 -13.15
N GLU B 36 24.78 -34.22 -14.40
CA GLU B 36 23.64 -33.83 -15.24
C GLU B 36 23.01 -35.05 -15.89
N ARG B 37 21.68 -35.11 -15.84
N ARG B 37 21.69 -35.17 -15.82
CA ARG B 37 20.90 -36.23 -16.34
CA ARG B 37 21.02 -36.34 -16.39
C ARG B 37 20.93 -36.32 -17.86
C ARG B 37 21.06 -36.34 -17.92
N ARG B 38 20.92 -35.17 -18.54
CA ARG B 38 20.87 -35.10 -20.00
C ARG B 38 22.25 -35.34 -20.63
N PRO B 39 22.29 -35.64 -21.94
CA PRO B 39 23.57 -35.64 -22.63
C PRO B 39 24.10 -34.22 -22.77
N ASP B 40 25.39 -34.12 -23.06
CA ASP B 40 26.06 -32.84 -23.30
C ASP B 40 25.54 -32.23 -24.60
N PRO B 41 24.84 -31.09 -24.58
CA PRO B 41 24.30 -30.52 -25.82
C PRO B 41 25.37 -29.97 -26.76
N ARG B 42 26.62 -29.82 -26.30
CA ARG B 42 27.71 -29.34 -27.15
C ARG B 42 28.25 -30.41 -28.09
N ILE B 43 27.93 -31.69 -27.86
CA ILE B 43 28.27 -32.75 -28.79
C ILE B 43 27.22 -32.74 -29.91
N GLU B 44 27.63 -32.41 -31.14
CA GLU B 44 26.68 -32.32 -32.24
C GLU B 44 26.17 -33.70 -32.63
N THR B 45 24.86 -33.80 -32.84
CA THR B 45 24.23 -35.01 -33.33
C THR B 45 23.36 -34.67 -34.55
N GLY B 46 22.67 -35.68 -35.08
CA GLY B 46 21.71 -35.45 -36.14
C GLY B 46 20.34 -35.02 -35.70
N ALA B 47 20.14 -34.82 -34.39
CA ALA B 47 18.85 -34.37 -33.86
C ALA B 47 18.80 -32.85 -33.91
N ARG B 48 17.69 -32.32 -34.41
CA ARG B 48 17.49 -30.87 -34.51
C ARG B 48 16.67 -30.45 -33.29
N GLY B 49 17.35 -29.85 -32.31
CA GLY B 49 16.73 -29.49 -31.06
C GLY B 49 16.22 -28.07 -30.99
N ARG B 50 14.92 -27.91 -31.16
CA ARG B 50 14.29 -26.60 -31.04
C ARG B 50 14.24 -26.18 -29.58
N SER B 51 14.36 -24.87 -29.35
CA SER B 51 14.49 -24.33 -28.00
C SER B 51 13.65 -23.06 -27.87
N ILE B 52 13.29 -22.75 -26.63
CA ILE B 52 12.56 -21.53 -26.34
C ILE B 52 13.55 -20.43 -25.99
N ASN B 53 13.10 -19.19 -26.01
CA ASN B 53 13.90 -18.07 -25.54
C ASN B 53 13.40 -17.60 -24.18
N LEU B 54 14.28 -16.86 -23.50
CA LEU B 54 14.01 -16.27 -22.20
C LEU B 54 14.34 -14.78 -22.24
N ALA B 55 13.65 -14.02 -21.38
CA ALA B 55 13.93 -12.60 -21.20
C ALA B 55 14.97 -12.43 -20.09
N LEU B 56 16.14 -11.94 -20.47
CA LEU B 56 17.23 -11.64 -19.54
C LEU B 56 17.15 -10.18 -19.12
N ALA B 57 17.14 -9.93 -17.82
CA ALA B 57 17.06 -8.59 -17.27
C ALA B 57 18.25 -8.32 -16.35
N GLU B 58 18.17 -7.24 -15.55
CA GLU B 58 19.38 -6.76 -14.88
C GLU B 58 19.86 -7.74 -13.80
N ARG B 59 18.94 -8.41 -13.10
CA ARG B 59 19.37 -9.35 -12.07
C ARG B 59 20.17 -10.51 -12.66
N GLY B 60 19.70 -11.07 -13.78
CA GLY B 60 20.48 -12.11 -14.44
C GLY B 60 21.72 -11.57 -15.14
N ALA B 61 21.60 -10.38 -15.74
CA ALA B 61 22.74 -9.79 -16.43
C ALA B 61 23.88 -9.47 -15.46
N HIS B 62 23.53 -8.95 -14.28
CA HIS B 62 24.55 -8.66 -13.27
C HIS B 62 25.24 -9.93 -12.78
N ALA B 63 24.51 -11.02 -12.60
CA ALA B 63 25.14 -12.28 -12.19
C ALA B 63 26.15 -12.73 -13.23
N LEU B 64 25.81 -12.62 -14.52
CA LEU B 64 26.74 -13.00 -15.59
C LEU B 64 27.94 -12.06 -15.64
N ARG B 65 27.69 -10.77 -15.39
CA ARG B 65 28.76 -9.77 -15.32
C ARG B 65 29.79 -10.14 -14.26
N LEU B 66 29.31 -10.49 -13.05
CA LEU B 66 30.20 -10.89 -11.97
C LEU B 66 31.03 -12.12 -12.36
N ALA B 67 30.43 -13.04 -13.10
CA ALA B 67 31.12 -14.23 -13.59
C ALA B 67 31.99 -13.96 -14.82
N GLY B 68 31.95 -12.75 -15.38
CA GLY B 68 32.73 -12.46 -16.58
C GLY B 68 32.20 -13.00 -17.89
N LEU B 69 30.89 -13.27 -17.98
CA LEU B 69 30.30 -13.86 -19.17
C LEU B 69 29.23 -12.99 -19.83
N GLU B 70 28.97 -11.79 -19.33
CA GLU B 70 27.85 -11.00 -19.83
C GLU B 70 28.00 -10.68 -21.32
N ARG B 71 29.20 -10.22 -21.71
CA ARG B 71 29.40 -9.79 -23.10
C ARG B 71 29.19 -10.96 -24.07
N GLU B 72 29.62 -12.16 -23.69
CA GLU B 72 29.44 -13.31 -24.57
C GLU B 72 27.96 -13.64 -24.78
N VAL B 73 27.16 -13.55 -23.71
CA VAL B 73 25.73 -13.84 -23.79
C VAL B 73 25.01 -12.77 -24.61
N LEU B 74 25.27 -11.49 -24.33
CA LEU B 74 24.55 -10.43 -25.03
C LEU B 74 24.88 -10.41 -26.52
N ALA B 75 26.06 -10.91 -26.93
CA ALA B 75 26.39 -10.99 -28.35
C ALA B 75 25.40 -11.87 -29.11
N GLU B 76 24.70 -12.76 -28.43
CA GLU B 76 23.74 -13.67 -29.04
C GLU B 76 22.30 -13.40 -28.59
N ALA B 77 21.99 -12.19 -28.12
CA ALA B 77 20.65 -11.86 -27.66
C ALA B 77 20.07 -10.71 -28.47
N VAL B 78 18.74 -10.72 -28.62
CA VAL B 78 18.00 -9.69 -29.35
C VAL B 78 17.49 -8.66 -28.34
N MET B 79 17.75 -7.39 -28.62
CA MET B 79 17.28 -6.32 -27.73
C MET B 79 15.76 -6.18 -27.82
N MET B 80 15.12 -6.03 -26.66
CA MET B 80 13.69 -5.74 -26.59
C MET B 80 13.52 -4.40 -25.88
N ARG B 81 13.13 -3.37 -26.63
CA ARG B 81 13.03 -2.02 -26.09
C ARG B 81 11.71 -1.77 -25.39
N GLY B 82 10.68 -2.57 -25.64
CA GLY B 82 9.40 -2.35 -25.00
C GLY B 82 8.40 -3.43 -25.31
N ARG B 83 7.18 -3.19 -24.84
CA ARG B 83 6.06 -4.14 -24.95
C ARG B 83 5.16 -3.66 -26.08
N MET B 84 5.01 -4.49 -27.11
CA MET B 84 4.16 -4.17 -28.26
C MET B 84 2.82 -4.84 -28.02
N VAL B 85 1.82 -4.06 -27.66
CA VAL B 85 0.52 -4.57 -27.24
C VAL B 85 -0.42 -4.56 -28.44
N HIS B 86 -1.01 -5.72 -28.73
CA HIS B 86 -1.95 -5.88 -29.83
C HIS B 86 -3.34 -6.04 -29.23
N VAL B 87 -4.20 -5.04 -29.38
CA VAL B 87 -5.60 -5.19 -28.99
C VAL B 87 -6.48 -4.76 -30.15
N PRO B 88 -7.59 -5.45 -30.41
CA PRO B 88 -8.39 -5.15 -31.60
C PRO B 88 -8.97 -3.74 -31.57
N GLY B 89 -9.09 -3.16 -32.75
CA GLY B 89 -9.66 -1.84 -32.92
C GLY B 89 -8.64 -0.74 -33.09
N THR B 90 -7.37 -1.02 -32.84
CA THR B 90 -6.33 0.00 -32.87
C THR B 90 -5.03 -0.63 -33.32
N PRO B 91 -4.13 0.12 -33.96
CA PRO B 91 -2.84 -0.44 -34.38
C PRO B 91 -2.01 -0.86 -33.18
N PRO B 92 -1.07 -1.80 -33.35
CA PRO B 92 -0.20 -2.18 -32.23
C PRO B 92 0.49 -0.97 -31.62
N ASN B 93 0.56 -0.96 -30.29
CA ASN B 93 1.10 0.15 -29.53
C ASN B 93 2.31 -0.31 -28.73
N LEU B 94 3.40 0.47 -28.80
CA LEU B 94 4.69 0.11 -28.22
C LEU B 94 4.89 0.84 -26.90
N GLN B 95 4.83 0.09 -25.80
CA GLN B 95 5.04 0.65 -24.46
C GLN B 95 6.50 0.46 -24.05
N PRO B 96 7.32 1.51 -24.01
CA PRO B 96 8.71 1.31 -23.61
C PRO B 96 8.81 0.70 -22.23
N TYR B 97 9.81 -0.19 -22.07
CA TYR B 97 10.08 -0.79 -20.77
C TYR B 97 10.86 0.17 -19.86
N GLY B 98 11.74 0.98 -20.43
CA GLY B 98 12.71 1.73 -19.65
C GLY B 98 12.47 3.21 -19.52
N ARG B 99 13.02 3.81 -18.46
CA ARG B 99 12.91 5.25 -18.25
C ARG B 99 13.81 6.06 -19.18
N ASP B 100 14.85 5.44 -19.75
CA ASP B 100 15.64 6.06 -20.81
C ASP B 100 15.96 4.98 -21.83
N ASP B 101 16.71 5.36 -22.86
CA ASP B 101 17.03 4.43 -23.95
C ASP B 101 18.07 3.39 -23.56
N SER B 102 18.50 3.35 -22.30
CA SER B 102 19.47 2.37 -21.83
C SER B 102 18.84 1.22 -21.04
N GLU B 103 17.59 1.37 -20.60
CA GLU B 103 16.91 0.31 -19.86
C GLU B 103 16.14 -0.54 -20.88
N VAL B 104 16.74 -1.67 -21.23
CA VAL B 104 16.17 -2.64 -22.15
C VAL B 104 16.37 -4.03 -21.57
N ILE B 105 15.59 -5.00 -22.05
CA ILE B 105 15.80 -6.39 -21.71
C ILE B 105 16.16 -7.15 -23.00
N TRP B 106 16.55 -8.42 -22.83
CA TRP B 106 17.22 -9.18 -23.88
C TRP B 106 16.56 -10.54 -24.06
N SER B 107 16.34 -10.93 -25.33
CA SER B 107 15.79 -12.26 -25.66
C SER B 107 16.94 -13.19 -26.03
N ILE B 108 17.16 -14.23 -25.23
CA ILE B 108 18.28 -15.14 -25.42
C ILE B 108 17.72 -16.56 -25.51
N ASN B 109 18.22 -17.30 -26.49
CA ASN B 109 17.83 -18.70 -26.65
C ASN B 109 18.39 -19.52 -25.49
N ARG B 110 17.54 -20.39 -24.92
CA ARG B 110 17.92 -21.10 -23.70
C ARG B 110 19.12 -22.01 -23.91
N ASP B 111 19.16 -22.73 -25.05
CA ASP B 111 20.27 -23.64 -25.30
C ASP B 111 21.58 -22.89 -25.53
N ARG B 112 21.55 -21.78 -26.26
CA ARG B 112 22.74 -20.95 -26.41
C ARG B 112 23.28 -20.52 -25.04
N LEU B 113 22.40 -20.06 -24.15
CA LEU B 113 22.83 -19.63 -22.82
C LEU B 113 23.45 -20.79 -22.05
N ASN B 114 22.83 -21.98 -22.11
CA ASN B 114 23.34 -23.11 -21.34
C ASN B 114 24.72 -23.51 -21.85
N ARG B 115 24.93 -23.50 -23.16
N ARG B 115 24.89 -23.55 -23.17
CA ARG B 115 26.22 -23.90 -23.71
CA ARG B 115 26.19 -23.87 -23.76
C ARG B 115 27.33 -22.92 -23.36
C ARG B 115 27.27 -22.93 -23.24
N ILE B 116 27.01 -21.62 -23.31
CA ILE B 116 27.99 -20.64 -22.85
C ILE B 116 28.35 -20.86 -21.39
N LEU B 117 27.36 -21.21 -20.57
CA LEU B 117 27.62 -21.43 -19.15
C LEU B 117 28.42 -22.71 -18.94
N LEU B 118 28.15 -23.76 -19.72
CA LEU B 118 28.91 -24.99 -19.62
C LEU B 118 30.38 -24.76 -19.95
N ASP B 119 30.66 -24.07 -21.06
CA ASP B 119 32.04 -23.72 -21.38
C ASP B 119 32.66 -22.90 -20.24
N GLY B 120 31.90 -21.97 -19.69
CA GLY B 120 32.41 -21.16 -18.59
C GLY B 120 32.79 -21.95 -17.37
N ALA B 121 31.96 -22.92 -16.97
CA ALA B 121 32.26 -23.72 -15.78
C ALA B 121 33.54 -24.53 -15.98
N GLU B 122 33.68 -25.18 -17.15
CA GLU B 122 34.87 -25.98 -17.42
C GLU B 122 36.13 -25.12 -17.50
N ALA B 123 36.02 -23.92 -18.08
CA ALA B 123 37.20 -23.07 -18.19
C ALA B 123 37.71 -22.63 -16.83
N ALA B 124 36.81 -22.50 -15.84
CA ALA B 124 37.22 -22.17 -14.48
C ALA B 124 37.71 -23.37 -13.69
N GLY B 125 37.59 -24.58 -14.23
CA GLY B 125 38.13 -25.77 -13.59
C GLY B 125 37.12 -26.75 -13.04
N ALA B 126 35.82 -26.54 -13.23
CA ALA B 126 34.83 -27.52 -12.79
C ALA B 126 34.79 -28.71 -13.75
N SER B 127 34.50 -29.89 -13.19
CA SER B 127 34.31 -31.11 -13.96
C SER B 127 32.82 -31.45 -14.08
N ILE B 128 32.37 -31.75 -15.30
CA ILE B 128 30.95 -31.96 -15.59
C ILE B 128 30.77 -33.37 -16.13
N HIS B 129 29.81 -34.12 -15.55
CA HIS B 129 29.54 -35.51 -15.90
C HIS B 129 28.08 -35.64 -16.32
N PHE B 130 27.86 -35.97 -17.60
CA PHE B 130 26.53 -36.01 -18.19
C PHE B 130 25.95 -37.44 -18.15
N ASN B 131 24.68 -37.56 -18.52
CA ASN B 131 24.01 -38.86 -18.62
C ASN B 131 24.00 -39.61 -17.29
N LEU B 132 23.88 -38.86 -16.19
CA LEU B 132 23.82 -39.44 -14.84
C LEU B 132 22.79 -38.65 -14.06
N GLY B 133 21.70 -39.31 -13.66
CA GLY B 133 20.63 -38.67 -12.92
C GLY B 133 20.63 -39.11 -11.47
N LEU B 134 20.43 -38.16 -10.56
CA LEU B 134 20.35 -38.48 -9.14
C LEU B 134 19.04 -39.21 -8.83
N ASP B 135 19.16 -40.38 -8.18
CA ASP B 135 18.04 -41.19 -7.71
C ASP B 135 17.74 -41.02 -6.22
N SER B 136 18.76 -40.94 -5.36
CA SER B 136 18.52 -40.93 -3.93
C SER B 136 19.78 -40.50 -3.17
N VAL B 137 19.58 -40.15 -1.90
CA VAL B 137 20.63 -39.63 -1.03
C VAL B 137 20.50 -40.28 0.34
N ASP B 138 21.62 -40.80 0.85
CA ASP B 138 21.71 -41.30 2.23
C ASP B 138 22.48 -40.26 3.03
N PHE B 139 21.74 -39.44 3.79
CA PHE B 139 22.39 -38.39 4.56
C PHE B 139 23.18 -38.93 5.74
N ALA B 140 22.79 -40.10 6.26
CA ALA B 140 23.52 -40.68 7.38
C ALA B 140 24.95 -41.06 6.98
N ARG B 141 25.10 -41.66 5.79
N ARG B 141 25.10 -41.64 5.79
CA ARG B 141 26.41 -42.07 5.30
CA ARG B 141 26.40 -42.08 5.30
C ARG B 141 27.09 -41.02 4.43
C ARG B 141 27.05 -41.06 4.37
N GLN B 142 26.36 -39.97 4.03
CA GLN B 142 26.87 -38.97 3.09
C GLN B 142 27.26 -39.64 1.77
N ARG B 143 26.36 -40.45 1.26
CA ARG B 143 26.50 -41.11 -0.04
C ARG B 143 25.26 -40.82 -0.87
N LEU B 144 25.42 -40.83 -2.19
CA LEU B 144 24.29 -40.65 -3.08
C LEU B 144 24.36 -41.72 -4.17
N THR B 145 23.22 -41.94 -4.82
CA THR B 145 23.06 -42.95 -5.86
C THR B 145 22.62 -42.28 -7.15
N LEU B 146 23.35 -42.56 -8.23
CA LEU B 146 23.05 -42.05 -9.56
C LEU B 146 22.77 -43.22 -10.49
N SER B 147 22.14 -42.94 -11.63
CA SER B 147 21.88 -43.97 -12.63
C SER B 147 21.99 -43.40 -14.03
N ASN B 148 22.49 -44.22 -14.95
CA ASN B 148 22.47 -43.88 -16.36
C ASN B 148 21.12 -44.31 -16.95
N VAL B 149 20.93 -44.03 -18.25
CA VAL B 149 19.67 -44.35 -18.88
C VAL B 149 19.51 -45.87 -18.99
N SER B 150 20.63 -46.60 -19.07
CA SER B 150 20.60 -48.06 -19.07
C SER B 150 20.12 -48.64 -17.76
N GLY B 151 19.84 -47.82 -16.75
CA GLY B 151 19.27 -48.28 -15.49
C GLY B 151 20.27 -48.75 -14.46
N GLU B 152 21.57 -48.73 -14.77
CA GLU B 152 22.59 -49.16 -13.83
C GLU B 152 22.88 -48.05 -12.82
N ARG B 153 22.99 -48.44 -11.55
CA ARG B 153 23.24 -47.51 -10.46
C ARG B 153 24.72 -47.46 -10.11
N LEU B 154 25.13 -46.34 -9.51
CA LEU B 154 26.44 -46.25 -8.89
C LEU B 154 26.39 -45.25 -7.75
N GLU B 155 27.26 -45.45 -6.76
CA GLU B 155 27.30 -44.63 -5.56
C GLU B 155 28.50 -43.69 -5.58
N LYS B 156 28.31 -42.50 -4.99
CA LYS B 156 29.36 -41.52 -4.79
C LYS B 156 29.25 -40.94 -3.39
N ARG B 157 30.39 -40.73 -2.74
CA ARG B 157 30.45 -39.97 -1.50
C ARG B 157 30.40 -38.46 -1.79
N PHE B 158 29.78 -37.70 -0.87
CA PHE B 158 29.76 -36.25 -0.99
C PHE B 158 30.01 -35.59 0.37
N HIS B 159 30.54 -34.37 0.33
CA HIS B 159 30.75 -33.53 1.51
C HIS B 159 29.78 -32.36 1.61
N LEU B 160 29.40 -31.76 0.48
CA LEU B 160 28.36 -30.73 0.41
C LEU B 160 27.60 -30.94 -0.89
N LEU B 161 26.26 -30.95 -0.81
CA LEU B 161 25.40 -31.24 -1.96
C LEU B 161 24.56 -30.02 -2.29
N ILE B 162 24.63 -29.56 -3.55
CA ILE B 162 23.81 -28.45 -4.02
C ILE B 162 22.75 -28.96 -5.00
N GLY B 163 21.48 -28.78 -4.63
CA GLY B 163 20.38 -29.09 -5.52
C GLY B 163 20.03 -27.97 -6.49
N ALA B 164 20.54 -28.07 -7.73
CA ALA B 164 20.21 -27.14 -8.80
C ALA B 164 19.47 -27.88 -9.93
N ASP B 165 18.58 -28.79 -9.55
CA ASP B 165 18.05 -29.76 -10.49
C ASP B 165 16.59 -29.49 -10.86
N GLY B 166 16.15 -28.23 -10.75
CA GLY B 166 14.94 -27.79 -11.43
C GLY B 166 13.66 -28.06 -10.66
N CYS B 167 12.52 -27.79 -11.34
CA CYS B 167 11.24 -27.74 -10.64
CA CYS B 167 11.22 -27.76 -10.70
C CYS B 167 10.83 -29.10 -10.08
N ASN B 168 11.33 -30.20 -10.63
CA ASN B 168 11.03 -31.55 -10.13
C ASN B 168 12.21 -32.17 -9.39
N SER B 169 12.87 -31.35 -8.56
CA SER B 169 14.18 -31.69 -8.01
C SER B 169 14.17 -33.01 -7.25
N ALA B 170 15.11 -33.89 -7.60
CA ALA B 170 15.30 -35.10 -6.82
C ALA B 170 16.04 -34.83 -5.52
N VAL B 171 16.88 -33.80 -5.47
CA VAL B 171 17.53 -33.44 -4.21
C VAL B 171 16.50 -32.98 -3.20
N ARG B 172 15.52 -32.17 -3.64
CA ARG B 172 14.44 -31.73 -2.75
C ARG B 172 13.67 -32.93 -2.20
N GLN B 173 13.33 -33.88 -3.06
CA GLN B 173 12.61 -35.07 -2.62
C GLN B 173 13.42 -35.84 -1.57
N ALA B 174 14.73 -35.96 -1.75
CA ALA B 174 15.54 -36.69 -0.78
C ALA B 174 15.66 -35.92 0.54
N MET B 175 15.84 -34.60 0.47
CA MET B 175 15.93 -33.78 1.67
C MET B 175 14.65 -33.85 2.49
N ALA B 176 13.50 -33.82 1.81
CA ALA B 176 12.23 -33.81 2.53
C ALA B 176 11.96 -35.12 3.27
N SER B 177 12.78 -36.15 3.06
CA SER B 177 12.63 -37.41 3.78
CA SER B 177 12.62 -37.41 3.79
C SER B 177 13.34 -37.39 5.13
N VAL B 178 14.18 -36.39 5.40
CA VAL B 178 14.87 -36.29 6.67
C VAL B 178 14.60 -34.99 7.39
N VAL B 179 14.04 -33.99 6.72
CA VAL B 179 13.69 -32.72 7.32
C VAL B 179 12.36 -32.26 6.74
N ASP B 180 11.52 -31.65 7.57
CA ASP B 180 10.28 -31.05 7.10
C ASP B 180 10.61 -29.70 6.44
N LEU B 181 10.55 -29.66 5.11
CA LEU B 181 10.82 -28.44 4.38
C LEU B 181 9.62 -27.50 4.34
N GLY B 182 8.46 -27.95 4.79
CA GLY B 182 7.28 -27.11 4.78
C GLY B 182 6.70 -26.90 3.40
N GLU B 183 6.82 -27.89 2.52
CA GLU B 183 6.38 -27.76 1.14
C GLU B 183 4.88 -27.51 1.08
N HIS B 184 4.47 -26.60 0.20
CA HIS B 184 3.07 -26.41 -0.14
C HIS B 184 2.96 -26.05 -1.61
N LEU B 185 2.10 -26.76 -2.33
CA LEU B 185 1.95 -26.62 -3.78
C LEU B 185 0.67 -25.87 -4.09
N GLU B 186 0.78 -24.80 -4.86
CA GLU B 186 -0.38 -24.07 -5.38
C GLU B 186 -0.42 -24.30 -6.88
N THR B 187 -1.23 -25.26 -7.31
CA THR B 187 -1.31 -25.56 -8.74
C THR B 187 -1.97 -24.39 -9.46
N GLN B 188 -1.62 -24.24 -10.74
CA GLN B 188 -2.13 -23.16 -11.57
C GLN B 188 -3.03 -23.69 -12.66
N PRO B 189 -4.19 -23.08 -12.90
CA PRO B 189 -5.14 -23.65 -13.88
C PRO B 189 -4.77 -23.39 -15.33
N HIS B 190 -3.80 -22.53 -15.62
CA HIS B 190 -3.34 -22.30 -16.98
C HIS B 190 -2.30 -23.34 -17.36
N GLY B 191 -2.49 -23.98 -18.52
CA GLY B 191 -1.40 -24.61 -19.24
C GLY B 191 -0.88 -23.69 -20.34
N TYR B 192 0.12 -24.19 -21.08
CA TYR B 192 0.66 -23.41 -22.18
C TYR B 192 1.09 -24.29 -23.34
N LYS B 193 1.10 -23.69 -24.53
CA LYS B 193 1.49 -24.35 -25.77
C LYS B 193 2.38 -23.41 -26.58
N GLU B 194 3.46 -23.94 -27.13
CA GLU B 194 4.41 -23.13 -27.89
C GLU B 194 4.23 -23.36 -29.39
N LEU B 195 4.21 -22.25 -30.13
CA LEU B 195 4.03 -22.21 -31.59
C LEU B 195 5.13 -21.34 -32.18
N GLN B 196 5.15 -21.25 -33.51
N GLN B 196 5.15 -21.23 -33.52
CA GLN B 196 6.24 -20.59 -34.23
CA GLN B 196 6.29 -20.60 -34.20
C GLN B 196 5.71 -19.65 -35.29
C GLN B 196 5.84 -19.74 -35.36
N ILE B 197 6.42 -18.54 -35.46
CA ILE B 197 6.28 -17.65 -36.61
C ILE B 197 7.61 -17.67 -37.35
N THR B 198 7.57 -18.01 -38.65
CA THR B 198 8.80 -18.11 -39.41
C THR B 198 9.37 -16.73 -39.73
N PRO B 199 10.65 -16.65 -40.09
CA PRO B 199 11.21 -15.36 -40.50
C PRO B 199 10.50 -14.77 -41.71
N GLU B 200 9.96 -15.60 -42.60
CA GLU B 200 9.29 -15.08 -43.79
C GLU B 200 7.98 -14.40 -43.42
N ALA B 201 7.23 -15.00 -42.49
CA ALA B 201 5.96 -14.45 -42.07
C ALA B 201 6.14 -13.20 -41.23
N SER B 202 7.10 -13.20 -40.30
CA SER B 202 7.28 -12.00 -39.49
C SER B 202 7.66 -10.80 -40.37
N ALA B 203 8.55 -11.02 -41.35
CA ALA B 203 8.91 -9.97 -42.29
C ALA B 203 7.74 -9.58 -43.18
N GLN B 204 6.98 -10.56 -43.65
CA GLN B 204 5.85 -10.25 -44.53
C GLN B 204 4.79 -9.42 -43.81
N PHE B 205 4.63 -9.58 -42.50
CA PHE B 205 3.64 -8.84 -41.73
C PHE B 205 4.24 -7.68 -40.93
N ASN B 206 5.53 -7.38 -41.11
CA ASN B 206 6.16 -6.24 -40.46
C ASN B 206 6.06 -6.30 -38.94
N LEU B 207 6.28 -7.49 -38.37
CA LEU B 207 6.34 -7.64 -36.92
C LEU B 207 7.68 -7.10 -36.41
N GLU B 208 7.64 -6.17 -35.46
CA GLU B 208 8.86 -5.51 -34.98
C GLU B 208 9.78 -6.48 -34.25
N PRO B 209 11.04 -6.65 -34.69
CA PRO B 209 11.91 -7.64 -34.02
C PRO B 209 12.42 -7.21 -32.65
N ASN B 210 12.59 -5.92 -32.41
CA ASN B 210 13.21 -5.46 -31.16
C ASN B 210 12.17 -5.09 -30.11
N ALA B 211 11.22 -5.99 -29.89
CA ALA B 211 10.18 -5.82 -28.88
C ALA B 211 9.63 -7.17 -28.49
N LEU B 212 9.05 -7.22 -27.29
CA LEU B 212 8.22 -8.34 -26.84
C LEU B 212 6.77 -8.00 -27.17
N HIS B 213 6.07 -8.94 -27.81
CA HIS B 213 4.70 -8.73 -28.25
C HIS B 213 3.75 -9.48 -27.34
N ILE B 214 2.60 -8.88 -27.08
N ILE B 214 2.57 -8.92 -27.12
CA ILE B 214 1.57 -9.48 -26.23
CA ILE B 214 1.59 -9.51 -26.23
C ILE B 214 0.22 -9.30 -26.89
C ILE B 214 0.20 -9.26 -26.77
N TRP B 215 -0.64 -10.30 -26.74
CA TRP B 215 -2.03 -10.25 -27.17
C TRP B 215 -2.90 -10.53 -25.95
N PRO B 216 -3.26 -9.52 -25.16
CA PRO B 216 -4.10 -9.78 -23.99
C PRO B 216 -5.51 -10.18 -24.41
N HIS B 217 -6.11 -11.08 -23.62
CA HIS B 217 -7.48 -11.52 -23.89
C HIS B 217 -8.17 -11.98 -22.61
N GLY B 218 -7.90 -11.31 -21.50
CA GLY B 218 -8.58 -11.62 -20.26
C GLY B 218 -8.08 -12.88 -19.58
N ASP B 219 -8.90 -13.95 -19.58
CA ASP B 219 -8.53 -15.20 -18.93
C ASP B 219 -7.47 -15.98 -19.70
N TYR B 220 -7.19 -15.62 -20.95
CA TYR B 220 -6.12 -16.23 -21.72
C TYR B 220 -5.38 -15.14 -22.49
N MET B 221 -4.20 -15.49 -23.03
CA MET B 221 -3.37 -14.53 -23.75
C MET B 221 -2.24 -15.27 -24.48
N CYS B 222 -1.67 -14.57 -25.48
CA CYS B 222 -0.47 -15.02 -26.17
C CYS B 222 0.64 -13.98 -26.01
N ILE B 223 1.88 -14.46 -26.07
CA ILE B 223 3.06 -13.60 -26.15
C ILE B 223 3.94 -14.10 -27.29
N ALA B 224 4.89 -13.28 -27.69
CA ALA B 224 5.85 -13.66 -28.72
C ALA B 224 7.16 -12.93 -28.44
N LEU B 225 8.27 -13.70 -28.44
CA LEU B 225 9.62 -13.22 -28.24
C LEU B 225 10.48 -13.48 -29.49
N PRO B 226 11.35 -12.55 -29.87
CA PRO B 226 12.10 -12.69 -31.13
C PRO B 226 13.36 -13.54 -30.99
N ASN B 227 13.77 -14.12 -32.13
CA ASN B 227 15.02 -14.84 -32.28
C ASN B 227 15.98 -14.08 -33.19
N LEU B 228 17.25 -14.50 -33.18
CA LEU B 228 18.27 -13.79 -33.95
C LEU B 228 18.01 -13.86 -35.44
N ASP B 229 17.27 -14.86 -35.91
CA ASP B 229 17.00 -15.05 -37.33
C ASP B 229 15.64 -14.47 -37.74
N ARG B 230 15.00 -13.70 -36.88
CA ARG B 230 13.73 -13.01 -37.15
C ARG B 230 12.52 -13.93 -37.02
N SER B 231 12.69 -15.22 -36.73
CA SER B 231 11.55 -16.00 -36.28
C SER B 231 11.14 -15.55 -34.88
N PHE B 232 9.93 -15.93 -34.47
CA PHE B 232 9.43 -15.67 -33.12
C PHE B 232 8.90 -16.96 -32.52
N THR B 233 9.13 -17.17 -31.22
CA THR B 233 8.49 -18.25 -30.49
C THR B 233 7.28 -17.66 -29.75
N VAL B 234 6.09 -18.23 -30.03
CA VAL B 234 4.81 -17.79 -29.47
C VAL B 234 4.39 -18.77 -28.39
N THR B 235 3.90 -18.24 -27.26
CA THR B 235 3.34 -19.06 -26.19
C THR B 235 1.89 -18.67 -25.94
N LEU B 236 1.00 -19.66 -26.02
CA LEU B 236 -0.40 -19.51 -25.65
C LEU B 236 -0.57 -19.94 -24.19
N PHE B 237 -1.18 -19.07 -23.37
CA PHE B 237 -1.54 -19.39 -21.99
C PHE B 237 -3.06 -19.47 -21.90
N LEU B 238 -3.58 -20.61 -21.43
CA LEU B 238 -5.02 -20.88 -21.45
C LEU B 238 -5.36 -22.00 -20.47
N HIS B 239 -6.55 -21.92 -19.87
CA HIS B 239 -7.01 -22.89 -18.89
C HIS B 239 -6.97 -24.31 -19.45
N HIS B 240 -6.51 -25.26 -18.61
CA HIS B 240 -6.62 -26.67 -18.98
C HIS B 240 -8.08 -27.06 -19.21
N GLN B 241 -8.96 -26.71 -18.25
CA GLN B 241 -10.36 -27.10 -18.30
C GLN B 241 -11.24 -25.87 -18.12
N SER B 242 -12.50 -25.96 -18.63
CA SER B 242 -13.45 -24.89 -18.43
C SER B 242 -14.16 -25.05 -17.10
N PRO B 243 -14.63 -23.96 -16.47
CA PRO B 243 -15.46 -24.10 -15.27
C PRO B 243 -16.85 -24.64 -15.59
N ALA B 248 -17.78 -24.27 -20.36
CA ALA B 248 -18.50 -23.18 -21.02
C ALA B 248 -17.54 -22.27 -21.80
N SER B 249 -16.38 -21.98 -21.22
CA SER B 249 -15.43 -21.03 -21.76
C SER B 249 -14.26 -21.74 -22.42
N PRO B 250 -13.41 -21.01 -23.15
CA PRO B 250 -12.31 -21.66 -23.88
C PRO B 250 -11.34 -22.37 -22.94
N SER B 251 -10.91 -23.55 -23.35
CA SER B 251 -9.91 -24.32 -22.61
C SER B 251 -9.23 -25.29 -23.56
N PHE B 252 -8.06 -25.80 -23.14
CA PHE B 252 -7.38 -26.81 -23.93
C PHE B 252 -8.26 -28.04 -24.16
N ALA B 253 -9.09 -28.39 -23.17
CA ALA B 253 -9.99 -29.53 -23.33
C ALA B 253 -10.85 -29.40 -24.58
N GLN B 254 -11.23 -28.17 -24.95
CA GLN B 254 -12.07 -27.95 -26.11
C GLN B 254 -11.30 -27.92 -27.42
N LEU B 255 -9.98 -27.99 -27.39
CA LEU B 255 -9.14 -27.98 -28.60
C LEU B 255 -8.60 -29.41 -28.78
N VAL B 256 -9.40 -30.26 -29.42
CA VAL B 256 -9.10 -31.68 -29.46
C VAL B 256 -8.06 -32.01 -30.52
N ASP B 257 -7.93 -31.20 -31.57
CA ASP B 257 -6.89 -31.42 -32.57
C ASP B 257 -6.49 -30.07 -33.18
N GLY B 258 -5.60 -30.12 -34.16
CA GLY B 258 -5.03 -28.90 -34.69
C GLY B 258 -6.05 -28.04 -35.40
N HIS B 259 -7.00 -28.65 -36.10
CA HIS B 259 -8.02 -27.88 -36.79
C HIS B 259 -8.89 -27.13 -35.80
N ALA B 260 -9.04 -27.66 -34.59
CA ALA B 260 -9.73 -26.94 -33.53
C ALA B 260 -8.94 -25.71 -33.12
N ALA B 261 -7.64 -25.89 -32.83
CA ALA B 261 -6.78 -24.76 -32.52
C ALA B 261 -6.90 -23.67 -33.58
N ARG B 262 -6.83 -24.04 -34.86
CA ARG B 262 -6.91 -23.04 -35.92
C ARG B 262 -8.20 -22.22 -35.80
N ARG B 263 -9.35 -22.88 -35.68
CA ARG B 263 -10.61 -22.14 -35.57
C ARG B 263 -10.61 -21.25 -34.33
N PHE B 264 -10.11 -21.76 -33.20
CA PHE B 264 -9.97 -20.95 -32.01
C PHE B 264 -9.19 -19.66 -32.29
N PHE B 265 -8.00 -19.78 -32.89
CA PHE B 265 -7.16 -18.61 -33.12
C PHE B 265 -7.81 -17.64 -34.11
N GLN B 266 -8.48 -18.15 -35.13
CA GLN B 266 -9.05 -17.27 -36.15
C GLN B 266 -10.13 -16.37 -35.56
N ARG B 267 -10.80 -16.82 -34.49
CA ARG B 267 -11.84 -16.03 -33.85
C ARG B 267 -11.29 -15.10 -32.78
N GLN B 268 -10.40 -15.60 -31.91
CA GLN B 268 -9.97 -14.86 -30.74
C GLN B 268 -8.70 -14.03 -30.97
N PHE B 269 -7.83 -14.45 -31.89
CA PHE B 269 -6.59 -13.74 -32.19
C PHE B 269 -6.50 -13.55 -33.69
N PRO B 270 -7.35 -12.69 -34.26
CA PRO B 270 -7.47 -12.62 -35.73
C PRO B 270 -6.19 -12.16 -36.41
N ASP B 271 -5.49 -11.17 -35.87
CA ASP B 271 -4.29 -10.63 -36.51
C ASP B 271 -3.06 -11.49 -36.27
N LEU B 272 -3.17 -12.57 -35.50
CA LEU B 272 -2.05 -13.46 -35.21
C LEU B 272 -2.12 -14.78 -35.97
N SER B 273 -3.33 -15.30 -36.20
CA SER B 273 -3.46 -16.57 -36.90
C SER B 273 -2.82 -16.57 -38.28
N PRO B 274 -2.90 -15.51 -39.09
CA PRO B 274 -2.28 -15.54 -40.42
C PRO B 274 -0.76 -15.67 -40.37
N MET B 275 -0.13 -15.37 -39.24
CA MET B 275 1.33 -15.46 -39.13
C MET B 275 1.81 -16.84 -38.71
N LEU B 276 0.91 -17.72 -38.28
CA LEU B 276 1.29 -19.05 -37.78
C LEU B 276 1.06 -20.06 -38.89
N ASP B 277 2.11 -20.30 -39.68
CA ASP B 277 2.00 -21.21 -40.81
C ASP B 277 1.72 -22.64 -40.35
N SER B 278 2.55 -23.16 -39.46
CA SER B 278 2.50 -24.56 -39.02
C SER B 278 1.64 -24.75 -37.77
N LEU B 279 0.60 -23.93 -37.61
CA LEU B 279 -0.20 -23.95 -36.38
C LEU B 279 -0.70 -25.36 -36.07
N GLU B 280 -1.34 -26.01 -37.05
CA GLU B 280 -1.95 -27.32 -36.81
C GLU B 280 -0.91 -28.35 -36.39
N GLN B 281 0.24 -28.38 -37.05
CA GLN B 281 1.25 -29.39 -36.75
C GLN B 281 1.88 -29.15 -35.38
N ASP B 282 2.30 -27.90 -35.12
CA ASP B 282 2.91 -27.58 -33.83
C ASP B 282 1.99 -27.97 -32.67
N PHE B 283 0.69 -27.70 -32.83
CA PHE B 283 -0.24 -27.92 -31.73
C PHE B 283 -0.30 -29.38 -31.31
N GLU B 284 -0.29 -30.30 -32.28
CA GLU B 284 -0.49 -31.72 -31.98
C GLU B 284 0.79 -32.46 -31.63
N HIS B 285 1.96 -31.91 -31.98
CA HIS B 285 3.23 -32.57 -31.69
C HIS B 285 3.99 -31.93 -30.55
N HIS B 286 3.57 -30.77 -30.06
CA HIS B 286 4.20 -30.15 -28.90
C HIS B 286 3.32 -30.36 -27.68
N PRO B 287 3.85 -30.91 -26.59
CA PRO B 287 2.99 -31.18 -25.42
C PRO B 287 2.51 -29.90 -24.75
N THR B 288 1.37 -30.02 -24.06
CA THR B 288 0.88 -28.93 -23.23
C THR B 288 1.61 -28.95 -21.90
N GLY B 289 2.16 -27.80 -21.52
CA GLY B 289 2.90 -27.70 -20.28
C GLY B 289 2.02 -27.28 -19.12
N LYS B 290 2.49 -27.56 -17.91
CA LYS B 290 1.75 -27.18 -16.72
C LYS B 290 2.57 -26.21 -15.88
N LEU B 291 1.86 -25.43 -15.08
CA LEU B 291 2.43 -24.34 -14.30
C LEU B 291 2.02 -24.50 -12.84
N ALA B 292 2.87 -24.01 -11.93
CA ALA B 292 2.62 -24.16 -10.50
C ALA B 292 3.50 -23.22 -9.69
N THR B 293 3.07 -22.96 -8.46
CA THR B 293 3.88 -22.24 -7.48
C THR B 293 4.08 -23.17 -6.30
N LEU B 294 5.34 -23.39 -5.92
CA LEU B 294 5.69 -24.29 -4.82
C LEU B 294 6.56 -23.53 -3.84
N ARG B 295 6.14 -23.53 -2.58
CA ARG B 295 6.78 -22.71 -1.54
C ARG B 295 7.32 -23.62 -0.44
N LEU B 296 8.51 -23.27 0.06
CA LEU B 296 9.20 -24.00 1.13
C LEU B 296 9.54 -23.07 2.29
N THR B 297 9.45 -23.55 3.53
CA THR B 297 9.87 -22.70 4.64
C THR B 297 11.37 -22.77 4.92
N THR B 298 12.05 -23.83 4.47
CA THR B 298 13.50 -23.92 4.64
C THR B 298 14.10 -24.65 3.45
N TRP B 299 15.34 -24.32 3.13
CA TRP B 299 16.00 -24.77 1.90
C TRP B 299 17.23 -25.64 2.13
N HIS B 300 17.50 -26.06 3.37
CA HIS B 300 18.75 -26.74 3.66
C HIS B 300 18.53 -27.83 4.70
N VAL B 301 19.49 -28.75 4.74
CA VAL B 301 19.60 -29.78 5.76
C VAL B 301 20.97 -29.57 6.42
N GLY B 302 20.96 -28.96 7.60
CA GLY B 302 22.20 -28.72 8.33
C GLY B 302 23.25 -28.07 7.45
N GLY B 303 24.47 -28.61 7.48
CA GLY B 303 25.51 -28.23 6.55
C GLY B 303 25.67 -29.15 5.36
N GLN B 304 24.77 -30.12 5.19
CA GLN B 304 24.96 -31.17 4.21
C GLN B 304 24.38 -30.84 2.83
N ALA B 305 23.27 -30.11 2.73
CA ALA B 305 22.60 -29.96 1.44
C ALA B 305 21.76 -28.68 1.41
N VAL B 306 21.66 -28.08 0.22
CA VAL B 306 20.95 -26.82 0.00
C VAL B 306 20.36 -26.80 -1.41
N LEU B 307 19.22 -26.10 -1.55
CA LEU B 307 18.54 -25.94 -2.82
C LEU B 307 18.61 -24.51 -3.34
N LEU B 308 18.63 -24.35 -4.67
CA LEU B 308 18.45 -23.02 -5.25
C LEU B 308 17.71 -23.10 -6.60
N GLY B 309 17.31 -21.94 -7.10
CA GLY B 309 16.60 -21.90 -8.38
C GLY B 309 15.23 -22.57 -8.33
N ASP B 310 14.82 -23.14 -9.47
CA ASP B 310 13.53 -23.82 -9.55
C ASP B 310 13.41 -24.98 -8.56
N ALA B 311 14.54 -25.55 -8.12
CA ALA B 311 14.48 -26.60 -7.10
C ALA B 311 13.93 -26.06 -5.78
N ALA B 312 14.18 -24.79 -5.47
CA ALA B 312 13.73 -24.20 -4.23
C ALA B 312 12.42 -23.42 -4.34
N HIS B 313 12.10 -22.86 -5.52
CA HIS B 313 10.95 -21.97 -5.60
C HIS B 313 10.38 -21.86 -7.01
N PRO B 314 9.75 -22.91 -7.52
CA PRO B 314 9.02 -22.79 -8.81
C PRO B 314 7.99 -21.68 -8.74
N MET B 315 7.84 -20.94 -9.83
CA MET B 315 6.94 -19.79 -9.90
C MET B 315 6.26 -19.73 -11.26
N VAL B 316 5.10 -19.07 -11.32
CA VAL B 316 4.44 -18.87 -12.61
C VAL B 316 5.29 -17.91 -13.44
N PRO B 317 5.31 -18.03 -14.78
CA PRO B 317 6.28 -17.27 -15.56
C PRO B 317 5.85 -15.88 -16.04
N PHE B 318 4.80 -15.32 -15.46
CA PHE B 318 4.21 -14.11 -16.05
C PHE B 318 5.01 -12.83 -15.80
N HIS B 319 6.12 -12.89 -15.06
CA HIS B 319 7.01 -11.74 -14.92
C HIS B 319 8.38 -11.96 -15.57
N GLY B 320 8.62 -13.13 -16.16
CA GLY B 320 9.91 -13.39 -16.79
C GLY B 320 11.08 -13.25 -15.83
N GLN B 321 10.94 -13.76 -14.62
CA GLN B 321 11.97 -13.58 -13.60
C GLN B 321 12.49 -14.88 -12.99
N GLY B 322 12.08 -16.06 -13.49
CA GLY B 322 12.56 -17.31 -12.92
C GLY B 322 14.04 -17.56 -13.11
N MET B 323 14.52 -17.47 -14.37
CA MET B 323 15.96 -17.56 -14.63
CA MET B 323 15.96 -17.56 -14.62
C MET B 323 16.71 -16.42 -13.94
N ASN B 324 16.16 -15.20 -14.01
CA ASN B 324 16.84 -14.08 -13.38
C ASN B 324 17.01 -14.31 -11.88
N CYS B 325 15.97 -14.80 -11.20
CA CYS B 325 16.08 -15.10 -9.77
C CYS B 325 17.03 -16.27 -9.49
N ALA B 326 17.07 -17.26 -10.38
CA ALA B 326 17.97 -18.40 -10.19
C ALA B 326 19.44 -17.98 -10.30
N LEU B 327 19.76 -17.06 -11.20
CA LEU B 327 21.15 -16.61 -11.30
C LEU B 327 21.49 -15.69 -10.12
N GLU B 328 20.54 -14.87 -9.66
CA GLU B 328 20.76 -14.08 -8.44
C GLU B 328 20.98 -14.99 -7.24
N ASP B 329 20.22 -16.10 -7.15
CA ASP B 329 20.44 -17.11 -6.11
C ASP B 329 21.89 -17.60 -6.12
N ALA B 330 22.42 -17.88 -7.33
CA ALA B 330 23.74 -18.49 -7.47
C ALA B 330 24.82 -17.57 -6.94
N VAL B 331 24.71 -16.26 -7.19
CA VAL B 331 25.68 -15.33 -6.64
C VAL B 331 25.62 -15.31 -5.13
N ALA B 332 24.41 -15.22 -4.55
CA ALA B 332 24.28 -15.15 -3.11
C ALA B 332 24.81 -16.42 -2.43
N LEU B 333 24.52 -17.59 -3.01
CA LEU B 333 24.99 -18.85 -2.42
C LEU B 333 26.51 -18.94 -2.46
N ALA B 334 27.13 -18.52 -3.56
CA ALA B 334 28.59 -18.59 -3.63
C ALA B 334 29.24 -17.65 -2.62
N GLU B 335 28.69 -16.44 -2.47
CA GLU B 335 29.19 -15.49 -1.47
C GLU B 335 29.11 -16.08 -0.07
N HIS B 336 27.95 -16.62 0.31
CA HIS B 336 27.79 -17.17 1.65
C HIS B 336 28.77 -18.30 1.90
N LEU B 337 28.93 -19.19 0.93
CA LEU B 337 29.81 -20.35 1.11
C LEU B 337 31.26 -19.92 1.20
N GLN B 338 31.67 -18.89 0.46
CA GLN B 338 33.07 -18.49 0.46
C GLN B 338 33.52 -17.97 1.82
N SER B 339 32.64 -17.26 2.52
CA SER B 339 33.07 -16.46 3.66
C SER B 339 32.50 -16.89 5.02
N ALA B 340 31.81 -18.01 5.09
CA ALA B 340 31.18 -18.36 6.35
C ALA B 340 32.15 -19.14 7.23
N ALA B 341 31.82 -19.20 8.52
CA ALA B 341 32.60 -19.99 9.48
C ALA B 341 32.61 -21.46 9.09
N ASP B 342 31.46 -21.99 8.70
CA ASP B 342 31.35 -23.38 8.27
C ASP B 342 30.13 -23.51 7.37
N ASN B 343 30.00 -24.68 6.75
CA ASN B 343 28.92 -24.88 5.80
C ASN B 343 27.56 -24.72 6.45
N ALA B 344 27.35 -25.28 7.64
CA ALA B 344 26.05 -25.17 8.30
C ALA B 344 25.63 -23.72 8.50
N SER B 345 26.55 -22.84 8.90
CA SER B 345 26.21 -21.43 9.06
C SER B 345 25.88 -20.78 7.72
N ALA B 346 26.66 -21.08 6.68
CA ALA B 346 26.45 -20.51 5.37
C ALA B 346 25.04 -20.82 4.85
N LEU B 347 24.63 -22.08 4.96
CA LEU B 347 23.37 -22.52 4.37
C LEU B 347 22.18 -21.92 5.11
N ALA B 348 22.26 -21.82 6.44
CA ALA B 348 21.20 -21.18 7.21
C ALA B 348 21.07 -19.71 6.85
N ALA B 349 22.20 -19.00 6.67
CA ALA B 349 22.15 -17.58 6.33
C ALA B 349 21.64 -17.38 4.90
N PHE B 350 22.01 -18.28 3.97
CA PHE B 350 21.49 -18.23 2.61
C PHE B 350 19.97 -18.39 2.60
N THR B 351 19.46 -19.38 3.33
CA THR B 351 18.01 -19.57 3.42
C THR B 351 17.32 -18.33 4.02
N ALA B 352 17.85 -17.79 5.12
CA ALA B 352 17.21 -16.65 5.77
C ALA B 352 17.22 -15.41 4.88
N GLN B 353 18.27 -15.23 4.08
CA GLN B 353 18.31 -14.10 3.17
C GLN B 353 17.32 -14.27 2.01
N ARG B 354 17.35 -15.43 1.35
CA ARG B 354 16.72 -15.53 0.03
C ARG B 354 15.26 -15.98 0.06
N GLN B 355 14.85 -16.76 1.06
CA GLN B 355 13.51 -17.35 1.03
C GLN B 355 12.42 -16.28 1.08
N PRO B 356 12.54 -15.26 1.96
CA PRO B 356 11.54 -14.18 1.91
C PRO B 356 11.52 -13.44 0.59
N ASP B 357 12.67 -13.29 -0.08
CA ASP B 357 12.69 -12.61 -1.36
C ASP B 357 12.10 -13.47 -2.47
N ALA B 358 12.36 -14.77 -2.45
CA ALA B 358 11.71 -15.67 -3.41
C ALA B 358 10.19 -15.64 -3.22
N LEU B 359 9.73 -15.63 -1.97
CA LEU B 359 8.31 -15.60 -1.70
C LEU B 359 7.66 -14.37 -2.34
N ALA B 360 8.35 -13.22 -2.28
CA ALA B 360 7.79 -11.99 -2.84
C ALA B 360 7.69 -12.06 -4.37
N ILE B 361 8.73 -12.53 -5.06
CA ILE B 361 8.64 -12.55 -6.52
C ILE B 361 7.61 -13.58 -6.98
N GLN B 362 7.41 -14.66 -6.22
CA GLN B 362 6.33 -15.59 -6.54
C GLN B 362 4.97 -14.91 -6.47
N ALA B 363 4.76 -14.04 -5.48
CA ALA B 363 3.49 -13.33 -5.38
C ALA B 363 3.36 -12.29 -6.48
N MET B 364 4.45 -11.59 -6.79
CA MET B 364 4.38 -10.54 -7.80
C MET B 364 4.22 -11.12 -9.21
N ALA B 365 4.78 -12.31 -9.47
CA ALA B 365 4.52 -12.95 -10.75
C ALA B 365 3.04 -13.30 -10.92
N LEU B 366 2.41 -13.79 -9.86
CA LEU B 366 0.98 -14.10 -9.94
C LEU B 366 0.16 -12.83 -10.16
N GLU B 367 0.50 -11.75 -9.45
CA GLU B 367 -0.20 -10.48 -9.64
C GLU B 367 -0.05 -9.95 -11.06
N ASN B 368 1.14 -10.09 -11.65
CA ASN B 368 1.38 -9.52 -12.97
C ASN B 368 0.47 -10.12 -14.04
N TYR B 369 0.06 -11.39 -13.89
CA TYR B 369 -0.84 -11.95 -14.90
C TYR B 369 -2.10 -11.11 -15.06
N VAL B 370 -2.67 -10.65 -13.94
CA VAL B 370 -3.85 -9.81 -13.98
C VAL B 370 -3.54 -8.49 -14.68
N GLU B 371 -2.46 -7.83 -14.27
CA GLU B 371 -2.12 -6.53 -14.82
C GLU B 371 -1.85 -6.60 -16.32
N MET B 372 -1.38 -7.76 -16.81
CA MET B 372 -1.02 -7.87 -18.22
C MET B 372 -2.25 -8.10 -19.10
N SER B 373 -3.21 -8.91 -18.66
CA SER B 373 -4.22 -9.44 -19.56
C SER B 373 -5.63 -8.92 -19.30
N SER B 374 -5.98 -8.61 -18.06
CA SER B 374 -7.35 -8.22 -17.74
C SER B 374 -7.40 -6.94 -16.92
N ALA B 377 -7.88 -3.23 -18.30
CA ALA B 377 -9.16 -2.82 -18.86
C ALA B 377 -9.73 -1.62 -18.11
N SER B 378 -9.92 -1.79 -16.79
CA SER B 378 -10.53 -0.82 -15.90
C SER B 378 -10.10 0.60 -16.24
N PRO B 379 -11.04 1.52 -16.50
CA PRO B 379 -10.63 2.90 -16.74
C PRO B 379 -9.98 3.52 -15.53
N THR B 380 -10.46 3.14 -14.34
CA THR B 380 -9.78 3.51 -13.10
C THR B 380 -8.31 3.14 -13.16
N TYR B 381 -8.00 1.88 -13.49
CA TYR B 381 -6.61 1.47 -13.62
C TYR B 381 -5.87 2.38 -14.60
N LEU B 382 -6.48 2.65 -15.77
CA LEU B 382 -5.79 3.45 -16.77
C LEU B 382 -5.47 4.84 -16.22
N LEU B 383 -6.44 5.48 -15.56
CA LEU B 383 -6.18 6.77 -14.94
C LEU B 383 -5.05 6.67 -13.93
N GLU B 384 -5.04 5.62 -13.12
CA GLU B 384 -3.95 5.42 -12.16
C GLU B 384 -2.60 5.34 -12.86
N ARG B 385 -2.53 4.68 -14.02
CA ARG B 385 -1.26 4.51 -14.70
C ARG B 385 -0.73 5.84 -15.24
N GLU B 386 -1.63 6.69 -15.74
CA GLU B 386 -1.20 8.02 -16.18
C GLU B 386 -0.60 8.81 -15.02
N LEU B 387 -1.29 8.84 -13.89
CA LEU B 387 -0.78 9.56 -12.73
C LEU B 387 0.55 8.98 -12.27
N GLY B 388 0.69 7.66 -12.32
CA GLY B 388 1.95 7.03 -11.91
C GLY B 388 3.12 7.47 -12.77
N GLN B 389 2.88 7.65 -14.07
CA GLN B 389 3.96 8.12 -14.95
C GLN B 389 4.39 9.54 -14.58
N ILE B 390 3.43 10.41 -14.29
CA ILE B 390 3.78 11.78 -13.92
C ILE B 390 4.61 11.78 -12.64
N MET B 391 4.19 11.02 -11.63
CA MET B 391 4.93 11.00 -10.38
C MET B 391 6.31 10.40 -10.57
N ALA B 392 6.43 9.35 -11.40
CA ALA B 392 7.75 8.78 -11.65
C ALA B 392 8.70 9.78 -12.30
N GLN B 393 8.16 10.69 -13.12
CA GLN B 393 9.00 11.72 -13.73
C GLN B 393 9.39 12.80 -12.72
N ARG B 394 8.45 13.22 -11.88
CA ARG B 394 8.74 14.28 -10.93
C ARG B 394 9.70 13.83 -9.83
N GLN B 395 9.66 12.56 -9.45
CA GLN B 395 10.35 12.07 -8.26
C GLN B 395 11.03 10.75 -8.59
N PRO B 396 12.09 10.80 -9.40
CA PRO B 396 12.68 9.55 -9.91
C PRO B 396 13.44 8.74 -8.88
N THR B 397 13.79 9.30 -7.73
CA THR B 397 14.43 8.53 -6.68
C THR B 397 13.47 8.06 -5.59
N ARG B 398 12.22 8.50 -5.62
CA ARG B 398 11.22 8.06 -4.66
C ARG B 398 10.15 7.17 -5.29
N PHE B 399 9.50 7.64 -6.36
CA PHE B 399 8.44 6.89 -7.02
C PHE B 399 9.06 6.12 -8.18
N ILE B 400 9.51 4.90 -7.91
CA ILE B 400 10.09 4.02 -8.90
C ILE B 400 9.06 2.92 -9.19
N PRO B 401 8.49 2.85 -10.40
CA PRO B 401 7.43 1.87 -10.65
C PRO B 401 7.88 0.45 -10.32
N ARG B 402 6.92 -0.34 -9.81
N ARG B 402 6.92 -0.37 -9.86
CA ARG B 402 7.23 -1.72 -9.43
CA ARG B 402 7.26 -1.71 -9.41
C ARG B 402 7.95 -2.44 -10.56
C ARG B 402 7.84 -2.57 -10.54
N TYR B 403 7.42 -2.35 -11.78
CA TYR B 403 8.03 -3.06 -12.90
C TYR B 403 9.52 -2.73 -13.00
N SER B 404 9.88 -1.46 -12.82
CA SER B 404 11.27 -1.05 -12.95
C SER B 404 12.11 -1.52 -11.75
N MET B 405 11.53 -1.54 -10.55
CA MET B 405 12.26 -2.09 -9.41
C MET B 405 12.58 -3.57 -9.61
N VAL B 406 11.62 -4.33 -10.15
CA VAL B 406 11.84 -5.76 -10.35
C VAL B 406 12.87 -5.99 -11.46
N THR B 407 12.73 -5.28 -12.57
CA THR B 407 13.41 -5.63 -13.82
C THR B 407 14.77 -4.97 -13.98
N PHE B 408 14.94 -3.74 -13.50
CA PHE B 408 16.14 -2.96 -13.78
C PHE B 408 16.95 -2.62 -12.54
N SER B 409 16.53 -3.04 -11.35
CA SER B 409 17.33 -2.83 -10.15
C SER B 409 17.56 -4.16 -9.45
N ARG B 410 18.44 -4.12 -8.46
CA ARG B 410 18.78 -5.27 -7.63
C ARG B 410 18.29 -5.11 -6.19
N LEU B 411 17.29 -4.28 -5.99
CA LEU B 411 16.67 -4.17 -4.67
C LEU B 411 16.09 -5.52 -4.26
N PRO B 412 16.21 -5.91 -3.00
CA PRO B 412 15.55 -7.16 -2.55
C PRO B 412 14.09 -7.20 -2.98
N TYR B 413 13.68 -8.33 -3.55
CA TYR B 413 12.32 -8.47 -4.05
C TYR B 413 11.29 -8.06 -2.99
N ALA B 414 11.52 -8.42 -1.73
CA ALA B 414 10.53 -8.10 -0.72
C ALA B 414 10.45 -6.60 -0.45
N GLN B 415 11.56 -5.88 -0.64
CA GLN B 415 11.50 -4.43 -0.52
C GLN B 415 10.80 -3.80 -1.72
N ALA B 416 11.03 -4.35 -2.91
CA ALA B 416 10.32 -3.90 -4.09
C ALA B 416 8.82 -4.03 -3.90
N MET B 417 8.38 -5.16 -3.31
CA MET B 417 6.95 -5.39 -3.15
C MET B 417 6.35 -4.44 -2.13
N ALA B 418 7.08 -4.15 -1.04
CA ALA B 418 6.55 -3.25 -0.01
C ALA B 418 6.44 -1.82 -0.51
N ARG B 419 7.47 -1.32 -1.18
CA ARG B 419 7.41 0.02 -1.78
C ARG B 419 6.34 0.06 -2.87
N GLY B 420 6.17 -1.04 -3.59
CA GLY B 420 5.13 -1.09 -4.60
C GLY B 420 3.74 -0.97 -3.99
N GLN B 421 3.55 -1.55 -2.80
CA GLN B 421 2.25 -1.44 -2.14
C GLN B 421 1.98 0.00 -1.76
N ILE B 422 2.98 0.67 -1.18
CA ILE B 422 2.82 2.07 -0.82
C ILE B 422 2.42 2.88 -2.04
N GLN B 423 3.12 2.67 -3.16
CA GLN B 423 2.85 3.44 -4.36
C GLN B 423 1.43 3.18 -4.87
N GLU B 424 1.00 1.92 -4.87
CA GLU B 424 -0.33 1.61 -5.36
C GLU B 424 -1.40 2.25 -4.49
N GLN B 425 -1.19 2.28 -3.17
CA GLN B 425 -2.18 2.89 -2.30
C GLN B 425 -2.26 4.40 -2.54
N LEU B 426 -1.11 5.05 -2.72
CA LEU B 426 -1.09 6.47 -3.06
C LEU B 426 -1.94 6.74 -4.31
N LEU B 427 -1.73 5.96 -5.36
CA LEU B 427 -2.45 6.14 -6.61
C LEU B 427 -3.94 5.84 -6.43
N LYS B 428 -4.27 4.79 -5.68
CA LYS B 428 -5.67 4.44 -5.46
C LYS B 428 -6.43 5.61 -4.85
N PHE B 429 -5.92 6.16 -3.74
CA PHE B 429 -6.63 7.26 -3.08
C PHE B 429 -6.61 8.53 -3.93
N ALA B 430 -5.53 8.76 -4.68
CA ALA B 430 -5.44 9.97 -5.49
C ALA B 430 -6.55 10.04 -6.53
N VAL B 431 -6.83 8.91 -7.19
CA VAL B 431 -7.81 8.91 -8.26
C VAL B 431 -9.22 8.63 -7.76
N ALA B 432 -9.36 8.07 -6.56
CA ALA B 432 -10.65 7.75 -5.95
C ALA B 432 -11.68 8.85 -6.16
N ASN B 433 -12.75 8.52 -6.88
CA ASN B 433 -13.89 9.41 -7.09
C ASN B 433 -13.55 10.62 -7.95
N HIS B 434 -12.53 10.48 -8.80
CA HIS B 434 -12.21 11.50 -9.80
C HIS B 434 -12.46 10.93 -11.20
N SER B 435 -13.02 11.76 -12.08
CA SER B 435 -13.33 11.32 -13.44
C SER B 435 -12.08 11.28 -14.32
N ASP B 436 -11.16 12.23 -14.15
CA ASP B 436 -9.98 12.32 -15.01
C ASP B 436 -8.91 13.14 -14.31
N LEU B 437 -7.75 13.24 -14.96
CA LEU B 437 -6.60 13.95 -14.38
C LEU B 437 -6.87 15.43 -14.18
N THR B 438 -7.90 15.98 -14.83
CA THR B 438 -8.19 17.40 -14.73
C THR B 438 -8.44 17.83 -13.29
N SER B 439 -9.15 17.01 -12.53
CA SER B 439 -9.64 17.40 -11.22
C SER B 439 -8.72 16.95 -10.09
N ILE B 440 -7.50 16.50 -10.42
CA ILE B 440 -6.55 16.00 -9.42
C ILE B 440 -5.49 17.05 -9.17
N ASN B 441 -5.13 17.22 -7.89
CA ASN B 441 -4.15 18.21 -7.45
C ASN B 441 -2.78 17.54 -7.47
N LEU B 442 -2.07 17.68 -8.60
CA LEU B 442 -0.82 16.97 -8.79
C LEU B 442 0.20 17.30 -7.70
N ASP B 443 0.28 18.57 -7.30
CA ASP B 443 1.28 18.95 -6.31
C ASP B 443 1.02 18.27 -4.97
N ALA B 444 -0.25 18.15 -4.58
CA ALA B 444 -0.57 17.46 -3.34
C ALA B 444 -0.17 15.99 -3.40
N VAL B 445 -0.37 15.35 -4.57
CA VAL B 445 0.05 13.96 -4.71
C VAL B 445 1.56 13.83 -4.56
N GLU B 446 2.31 14.76 -5.13
CA GLU B 446 3.77 14.70 -5.02
C GLU B 446 4.23 14.87 -3.58
N HIS B 447 3.49 15.65 -2.78
CA HIS B 447 3.86 15.83 -1.39
C HIS B 447 3.71 14.54 -0.60
N GLU B 448 2.68 13.73 -0.91
CA GLU B 448 2.55 12.44 -0.24
C GLU B 448 3.69 11.51 -0.63
N VAL B 449 4.17 11.60 -1.87
CA VAL B 449 5.29 10.78 -2.30
C VAL B 449 6.52 11.07 -1.43
N THR B 450 6.81 12.35 -1.21
CA THR B 450 7.99 12.69 -0.40
C THR B 450 7.74 12.38 1.08
N ARG B 451 6.49 12.41 1.52
CA ARG B 451 6.21 12.08 2.92
C ARG B 451 6.34 10.59 3.20
N CYS B 452 6.04 9.74 2.21
CA CYS B 452 5.83 8.31 2.46
C CYS B 452 6.90 7.40 1.86
N LEU B 453 7.67 7.87 0.88
CA LEU B 453 8.67 7.02 0.24
C LEU B 453 10.06 7.60 0.44
N PRO B 454 10.91 7.00 1.27
CA PRO B 454 12.28 7.51 1.40
C PRO B 454 13.03 7.35 0.07
N PRO B 455 13.93 8.27 -0.23
CA PRO B 455 14.67 8.15 -1.50
C PRO B 455 15.65 6.99 -1.48
N LEU B 456 15.95 6.50 -2.67
CA LEU B 456 16.92 5.44 -2.87
C LEU B 456 18.10 5.97 -3.68
N SER B 457 19.27 5.39 -3.43
CA SER B 457 20.48 5.74 -4.17
C SER B 457 21.11 4.50 -4.79
PA FAD C . -18.23 9.18 18.15
O1A FAD C . -18.37 10.54 18.71
O2A FAD C . -17.07 8.43 18.75
O5B FAD C . -19.58 8.35 18.36
C5B FAD C . -19.61 6.92 18.18
C4B FAD C . -20.72 6.32 19.02
O4B FAD C . -20.95 4.96 18.61
C3B FAD C . -20.44 6.28 20.51
O3B FAD C . -21.59 6.65 21.25
C2B FAD C . -20.07 4.80 20.76
O2B FAD C . -20.33 4.44 22.11
C1B FAD C . -21.00 4.12 19.75
N9A FAD C . -20.61 2.77 19.34
C8A FAD C . -19.35 2.31 19.09
N7A FAD C . -19.30 1.04 18.73
C5A FAD C . -20.64 0.66 18.72
C6A FAD C . -21.26 -0.56 18.42
N6A FAD C . -20.61 -1.67 18.05
N1A FAD C . -22.61 -0.62 18.53
C2A FAD C . -23.27 0.48 18.90
N3A FAD C . -22.79 1.68 19.21
C4A FAD C . -21.45 1.71 19.10
N1 FAD C . -12.81 17.05 17.00
C2 FAD C . -13.10 18.37 16.86
O2 FAD C . -13.89 18.78 16.00
N3 FAD C . -12.47 19.30 17.68
C4 FAD C . -11.56 19.01 18.67
O4 FAD C . -11.08 19.93 19.35
C4X FAD C . -11.25 17.59 18.80
N5 FAD C . -10.38 17.23 19.72
C5X FAD C . -10.10 15.87 19.85
C6 FAD C . -9.18 15.47 20.81
C7 FAD C . -8.85 14.12 20.97
C7M FAD C . -7.86 13.72 22.03
C8 FAD C . -9.47 13.16 20.16
C8M FAD C . -9.15 11.69 20.31
C9 FAD C . -10.40 13.56 19.21
C9A FAD C . -10.72 14.91 19.04
N10 FAD C . -11.65 15.33 18.07
C10 FAD C . -11.95 16.68 17.93
C1' FAD C . -12.34 14.36 17.18
C2' FAD C . -13.76 14.03 17.60
O2' FAD C . -13.77 13.55 18.94
C3' FAD C . -14.34 12.90 16.72
O3' FAD C . -13.98 13.11 15.37
C4' FAD C . -15.87 12.77 16.82
O4' FAD C . -16.26 12.40 18.14
C5' FAD C . -16.43 11.78 15.81
O5' FAD C . -17.86 11.67 15.99
P FAD C . -18.63 10.35 15.57
O1P FAD C . -20.13 10.52 15.84
O2P FAD C . -18.30 9.95 14.14
O3P FAD C . -18.05 9.26 16.58
H51A FAD C . -18.79 6.55 18.44
H52A FAD C . -19.76 6.72 17.27
H4B FAD C . -21.52 6.80 18.88
H3B FAD C . -19.71 6.83 20.72
HO3A FAD C . -22.26 6.30 20.92
H2B FAD C . -19.18 4.61 20.54
HO2A FAD C . -21.15 4.44 22.23
H1B FAD C . -21.86 4.08 20.11
H8A FAD C . -18.58 2.84 19.19
H61A FAD C . -19.74 -1.66 17.98
H62A FAD C . -21.04 -2.40 17.90
H2A FAD C . -24.20 0.40 18.95
HN3 FAD C . -12.69 20.12 17.56
H6 FAD C . -8.85 16.20 21.28
HM71 FAD C . -7.82 12.79 22.10
HM72 FAD C . -8.10 14.09 22.86
HM73 FAD C . -7.00 14.03 21.79
HM81 FAD C . -9.74 11.19 19.78
HM82 FAD C . -9.25 11.44 21.21
HM83 FAD C . -8.27 11.53 20.03
H9 FAD C . -10.88 12.78 19.04
H1'1 FAD C . -11.84 13.56 17.17
H1'2 FAD C . -12.36 14.71 16.31
H2' FAD C . -14.27 14.80 17.50
HO2' FAD C . -13.37 12.82 19.00
H3' FAD C . -13.94 12.09 17.00
HO3' FAD C . -13.89 12.37 14.99
H4' FAD C . -16.23 13.62 16.64
HO4' FAD C . -17.02 12.05 18.11
H5'1 FAD C . -16.03 10.94 15.93
H5'2 FAD C . -16.25 12.09 14.94
CL CL D . -9.82 16.33 15.45
C1 PEG E . 5.86 33.19 -8.44
O1 PEG E . 5.62 32.68 -9.69
C2 PEG E . 6.34 34.62 -8.64
O2 PEG E . 6.80 35.12 -7.39
C3 PEG E . 6.61 36.50 -7.25
C4 PEG E . 7.92 37.14 -6.75
O4 PEG E . 7.95 38.41 -7.25
H11 PEG E . 6.53 32.68 -7.96
H12 PEG E . 5.06 33.19 -7.89
H21 PEG E . 5.60 35.13 -9.01
H22 PEG E . 7.04 34.59 -9.31
H31 PEG E . 5.88 36.66 -6.62
H32 PEG E . 6.35 36.87 -8.11
H41 PEG E . 8.68 36.62 -7.05
H42 PEG E . 7.94 37.15 -5.79
C15 E0Q F . -7.48 24.55 17.03
C17 E0Q F . -8.62 24.09 17.95
C01 E0Q F . -6.89 18.74 20.15
C02 E0Q F . -6.73 20.04 19.38
C03 E0Q F . -7.83 20.81 18.95
C04 E0Q F . -7.67 22.01 18.22
C05 E0Q F . -6.38 22.54 17.92
C06 E0Q F . -5.24 21.77 18.34
C07 E0Q F . -3.81 22.21 18.07
C08 E0Q F . -5.47 20.58 19.04
C11 E0Q F . -5.32 23.99 16.15
C12 E0Q F . -4.49 25.19 16.29
N10 E0Q F . -6.38 23.72 17.12
O13 E0Q F . -4.41 25.95 17.21
O14 E0Q F . -3.70 25.37 15.18
O16 E0Q F . -7.55 25.49 16.28
O18 E0Q F . -8.77 22.71 17.86
CL9 E0Q F . -4.03 19.67 19.55
H172 E0Q F . -8.45 24.36 18.87
H171 E0Q F . -9.45 24.54 17.74
H013 E0Q F . -7.76 18.37 20.19
H012 E0Q F . -6.66 18.74 21.06
H011 E0Q F . -6.41 17.99 19.84
H031 E0Q F . -8.67 20.49 19.16
H072 E0Q F . -3.66 23.17 18.08
H071 E0Q F . -3.45 21.94 17.20
H073 E0Q F . -3.14 21.88 18.68
H111 E0Q F . -5.70 24.02 15.27
H112 E0Q F . -4.70 23.24 16.15
PA FAD G . 16.73 -25.64 -14.98
O1A FAD G . 17.17 -24.63 -15.99
O2A FAD G . 15.40 -26.35 -15.23
O5B FAD G . 17.91 -26.68 -14.85
C5B FAD G . 17.75 -27.93 -14.14
C4B FAD G . 18.78 -28.91 -14.64
O4B FAD G . 18.81 -30.07 -13.78
C3B FAD G . 18.51 -29.44 -16.06
O3B FAD G . 19.72 -29.42 -16.83
C2B FAD G . 17.96 -30.84 -15.80
O2B FAD G . 18.19 -31.70 -16.91
C1B FAD G . 18.77 -31.24 -14.57
N9A FAD G . 18.22 -32.31 -13.75
C8A FAD G . 16.92 -32.47 -13.35
N7A FAD G . 16.71 -33.52 -12.58
C5A FAD G . 17.97 -34.08 -12.45
C6A FAD G . 18.44 -35.22 -11.76
N6A FAD G . 17.66 -36.02 -11.04
N1A FAD G . 19.76 -35.49 -11.83
C2A FAD G . 20.55 -34.70 -12.55
N3A FAD G . 20.22 -33.61 -13.25
C4A FAD G . 18.91 -33.34 -13.16
N1 FAD G . 12.64 -17.10 -16.72
C2 FAD G . 13.14 -15.86 -17.02
O2 FAD G . 14.01 -15.32 -16.33
N3 FAD G . 12.65 -15.19 -18.12
C4 FAD G . 11.68 -15.64 -18.98
O4 FAD G . 11.33 -14.95 -19.95
C4X FAD G . 11.15 -16.95 -18.65
N5 FAD G . 10.22 -17.45 -19.40
C5X FAD G . 9.72 -18.70 -19.08
C6 FAD G . 8.71 -19.25 -19.89
C7 FAD G . 8.16 -20.49 -19.61
C7M FAD G . 7.09 -21.03 -20.52
C8 FAD G . 8.62 -21.23 -18.51
C8M FAD G . 8.05 -22.59 -18.20
C9 FAD G . 9.62 -20.69 -17.70
C9A FAD G . 10.18 -19.44 -17.97
N10 FAD G . 11.20 -18.87 -17.18
C10 FAD G . 11.71 -17.61 -17.48
C1' FAD G . 11.73 -19.58 -15.98
C2' FAD G . 13.05 -20.30 -16.20
O2' FAD G . 12.94 -21.20 -17.31
C3' FAD G . 13.45 -21.10 -14.97
O3' FAD G . 13.16 -20.38 -13.78
C4' FAD G . 14.95 -21.47 -14.96
O4' FAD G . 15.26 -22.31 -16.07
C5' FAD G . 15.39 -22.14 -13.66
O5' FAD G . 16.78 -22.52 -13.77
P FAD G . 17.37 -23.72 -12.90
O1P FAD G . 18.87 -23.86 -13.17
O2P FAD G . 17.01 -23.60 -11.42
O3P FAD G . 16.65 -25.00 -13.53
H51A FAD G . 16.89 -28.27 -14.29
H52A FAD G . 17.87 -27.78 -13.22
H4B FAD G . 19.63 -28.51 -14.63
H3B FAD G . 17.85 -28.93 -16.49
HO3A FAD G . 20.29 -29.87 -16.44
H2B FAD G . 17.05 -30.84 -15.59
HO2A FAD G . 19.01 -31.86 -16.98
H1B FAD G . 19.63 -31.50 -14.84
H8A FAD G . 16.24 -31.90 -13.62
H61A FAD G . 16.81 -35.86 -10.99
H62A FAD G . 18.00 -36.69 -10.61
H2A FAD G . 21.45 -34.94 -12.58
HN3 FAD G . 13.00 -14.40 -18.30
H6 FAD G . 8.52 -18.66 -20.58
HM71 FAD G . 6.90 -21.92 -20.27
HM72 FAD G . 7.38 -21.02 -21.40
HM73 FAD G . 6.31 -20.51 -20.43
HM81 FAD G . 8.54 -22.97 -17.48
HM82 FAD G . 8.12 -23.14 -18.95
HM83 FAD G . 7.16 -22.50 -17.95
H9 FAD G . 9.98 -21.44 -17.28
H1'1 FAD G . 11.09 -20.22 -15.71
H1'2 FAD G . 11.85 -18.96 -15.29
H2' FAD G . 13.70 -19.64 -16.37
HO2' FAD G . 12.42 -21.82 -17.10
H3' FAD G . 12.93 -21.89 -14.95
HO3' FAD G . 13.16 -20.90 -13.13
H4' FAD G . 15.43 -20.67 -15.05
HO4' FAD G . 15.89 -22.81 -15.87
H5'1 FAD G . 14.86 -22.91 -13.51
H5'2 FAD G . 15.27 -21.54 -12.95
CL CL H . 9.58 -16.80 -15.13
C1 PEG I . -2.05 9.04 1.46
O1 PEG I . -1.63 7.71 1.41
C2 PEG I . -3.04 9.21 0.33
O2 PEG I . -2.62 10.27 -0.49
C3 PEG I . -3.49 10.47 -1.55
C4 PEG I . -3.00 11.65 -2.43
O4 PEG I . -3.62 12.75 -1.97
H11 PEG I . -1.32 9.66 1.35
H12 PEG I . -2.48 9.26 2.31
HO1 PEG I . -1.11 7.58 2.07
H21 PEG I . -3.91 9.38 0.74
H22 PEG I . -3.09 8.37 -0.14
H31 PEG I . -4.37 10.65 -1.20
H32 PEG I . -3.53 9.64 -2.08
H41 PEG I . -3.20 11.48 -3.37
H42 PEG I . -2.03 11.74 -2.35
C1 PEG J . 31.54 -40.82 -12.94
O1 PEG J . 31.96 -42.06 -12.51
C2 PEG J . 31.83 -39.82 -11.83
O2 PEG J . 33.11 -39.25 -12.06
C3 PEG J . 33.52 -38.30 -11.09
C4 PEG J . 33.34 -38.86 -9.65
O4 PEG J . 34.00 -38.01 -8.78
H11 PEG J . 30.59 -40.81 -13.13
H12 PEG J . 32.00 -40.54 -13.75
HO1 PEG J . 31.27 -42.48 -12.28
H21 PEG J . 31.78 -40.30 -11.00
H22 PEG J . 31.11 -39.16 -11.85
H31 PEG J . 33.00 -37.48 -11.20
H32 PEG J . 34.45 -38.07 -11.25
H41 PEG J . 33.71 -39.76 -9.60
H42 PEG J . 32.40 -38.91 -9.43
HO4 PEG J . 33.75 -38.23 -8.00
C1 PEG K . 7.68 2.30 -16.17
O1 PEG K . 8.63 3.26 -16.44
C2 PEG K . 8.07 1.07 -16.99
O2 PEG K . 6.93 0.23 -17.09
C3 PEG K . 6.94 -0.54 -18.24
C4 PEG K . 5.52 -1.14 -18.43
O4 PEG K . 5.12 -1.69 -17.22
H11 PEG K . 6.79 2.58 -16.44
H12 PEG K . 7.63 2.06 -15.23
HO1 PEG K . 8.36 3.98 -16.07
H21 PEG K . 8.81 0.65 -16.53
H22 PEG K . 8.38 1.38 -17.84
H31 PEG K . 7.61 -1.25 -18.15
H32 PEG K . 7.19 0.01 -18.99
H41 PEG K . 5.53 -1.83 -19.12
H42 PEG K . 4.90 -0.46 -18.72
HO4 PEG K . 5.47 -1.21 -16.62
C1 PEG L . -10.04 -9.21 -26.24
O1 PEG L . -11.21 -8.77 -26.85
C2 PEG L . -9.06 -8.04 -26.25
O2 PEG L . -9.29 -7.25 -25.09
C3 PEG L . -8.52 -7.66 -23.98
C4 PEG L . -8.73 -6.66 -22.81
O4 PEG L . -9.42 -7.32 -21.81
H11 PEG L . -10.21 -9.49 -25.32
H12 PEG L . -9.65 -9.97 -26.70
H21 PEG L . -8.18 -8.42 -26.28
H22 PEG L . -9.21 -7.56 -27.07
H31 PEG L . -8.80 -8.56 -23.74
H32 PEG L . -7.59 -7.71 -24.24
H41 PEG L . -7.89 -6.33 -22.48
H42 PEG L . -9.24 -5.89 -23.12
C15 E0Q M . 8.73 -9.17 -19.22
C17 E0Q M . 9.70 -10.10 -19.94
C01 E0Q M . 6.96 -15.47 -20.40
C02 E0Q M . 7.05 -14.00 -20.05
C03 E0Q M . 8.28 -13.36 -19.91
C04 E0Q M . 8.39 -11.98 -19.57
C05 E0Q M . 7.23 -11.16 -19.38
C06 E0Q M . 5.96 -11.80 -19.52
C07 E0Q M . 4.64 -11.05 -19.34
C08 E0Q M . 5.93 -13.17 -19.84
C11 E0Q M . 6.55 -9.03 -18.16
C12 E0Q M . 5.86 -7.88 -18.78
N10 E0Q M . 7.50 -9.79 -19.00
O13 E0Q M . 5.16 -7.17 -17.85
O14 E0Q M . 5.84 -7.56 -19.91
O16 E0Q M . 9.01 -8.07 -18.83
O18 E0Q M . 9.62 -11.41 -19.45
CL9 E0Q M . 4.32 -13.93 -20.01
H172 E0Q M . 9.54 -10.09 -20.90
H171 E0Q M . 10.62 -9.77 -19.87
H013 E0Q M . 7.74 -15.99 -20.32
H012 E0Q M . 6.68 -15.69 -21.27
H011 E0Q M . 6.35 -16.00 -19.89
H031 E0Q M . 9.04 -13.86 -20.04
H072 E0Q M . 4.62 -10.16 -19.71
H071 E0Q M . 4.36 -10.93 -18.43
H073 E0Q M . 3.87 -11.47 -19.76
H111 E0Q M . 7.00 -8.69 -17.38
H112 E0Q M . 5.85 -9.62 -17.84
#